data_6SSS
#
_entry.id   6SSS
#
_cell.length_a   54.886
_cell.length_b   72.162
_cell.length_c   72.692
_cell.angle_alpha   67.930
_cell.angle_beta   86.710
_cell.angle_gamma   86.860
#
_symmetry.space_group_name_H-M   'P 1'
#
loop_
_entity.id
_entity.type
_entity.pdbx_description
1 polymer 'Microsomal glutathione S-transferase 2'
2 non-polymer 'SULFATE ION'
3 non-polymer 'SODIUM ION'
4 non-polymer 1-(8Z-hexadecenoyl)-sn-glycerol
5 non-polymer GLYCEROL
6 non-polymer 'THIOCYANATE ION'
7 non-polymer 'POTASSIUM ION'
8 water water
#
_entity_poly.entity_id   1
_entity_poly.type   'polypeptide(L)'
_entity_poly.pdbx_seq_one_letter_code
;MHHHHHHAGNSILLAAVSILSACQQSYFALQVGKARLKYKVTPPAVTGSPEFERVFRAQQNCVEFYPIFIITLWMAGWYF
NQVFATCLGLVYIYGRHLYFWGYSEAAKKRITGFRLSLGILALLTLLGALGIANSFLDEYLDLNIAKKLRRQF
;
_entity_poly.pdbx_strand_id   A,B,C,D,E,F
#
# COMPACT_ATOMS: atom_id res chain seq x y z
N GLY A 9 -1.68 15.51 26.45
CA GLY A 9 -2.07 16.63 27.30
C GLY A 9 -3.54 16.59 27.64
N ASN A 10 -4.37 16.62 26.61
CA ASN A 10 -5.81 16.50 26.78
C ASN A 10 -6.21 15.04 26.82
N SER A 11 -5.22 14.15 26.94
CA SER A 11 -5.46 12.71 26.99
C SER A 11 -4.59 12.01 28.05
N ILE A 12 -4.15 12.77 29.05
CA ILE A 12 -3.27 12.25 30.10
C ILE A 12 -4.02 11.28 31.02
N LEU A 13 -5.31 11.55 31.27
CA LEU A 13 -6.11 10.67 32.09
C LEU A 13 -6.32 9.33 31.38
N LEU A 14 -6.59 9.37 30.08
CA LEU A 14 -6.73 8.16 29.28
C LEU A 14 -5.42 7.36 29.30
N ALA A 15 -4.31 8.07 29.17
CA ALA A 15 -3.01 7.44 29.19
C ALA A 15 -2.81 6.69 30.50
N ALA A 16 -3.17 7.35 31.60
CA ALA A 16 -3.05 6.77 32.94
C ALA A 16 -3.92 5.53 33.09
N VAL A 17 -5.17 5.62 32.64
CA VAL A 17 -6.08 4.49 32.72
C VAL A 17 -5.53 3.32 31.91
N SER A 18 -4.99 3.63 30.74
CA SER A 18 -4.41 2.61 29.87
C SER A 18 -3.25 1.88 30.54
N ILE A 19 -2.43 2.64 31.27
CA ILE A 19 -1.23 2.09 31.90
C ILE A 19 -1.61 1.20 33.09
N LEU A 20 -2.60 1.65 33.86
CA LEU A 20 -3.09 0.82 34.96
C LEU A 20 -3.69 -0.48 34.45
N SER A 21 -4.47 -0.39 33.38
CA SER A 21 -5.11 -1.57 32.80
C SER A 21 -4.06 -2.54 32.30
N ALA A 22 -3.01 -2.01 31.68
CA ALA A 22 -1.94 -2.84 31.15
C ALA A 22 -1.25 -3.62 32.29
N CYS A 23 -1.11 -2.98 33.45
CA CYS A 23 -0.55 -3.64 34.61
C CYS A 23 -1.43 -4.81 35.05
N GLN A 24 -2.74 -4.58 35.05
CA GLN A 24 -3.68 -5.62 35.44
C GLN A 24 -3.60 -6.76 34.42
N GLN A 25 -3.46 -6.39 33.15
CA GLN A 25 -3.29 -7.38 32.09
C GLN A 25 -2.00 -8.17 32.31
N SER A 26 -0.92 -7.45 32.62
CA SER A 26 0.36 -8.09 32.91
C SER A 26 0.22 -9.01 34.11
N TYR A 27 -0.44 -8.48 35.14
CA TYR A 27 -0.70 -9.20 36.38
C TYR A 27 -1.43 -10.53 36.17
N PHE A 28 -2.55 -10.49 35.45
CA PHE A 28 -3.34 -11.69 35.18
C PHE A 28 -2.49 -12.77 34.51
N ALA A 29 -1.71 -12.37 33.52
CA ALA A 29 -0.84 -13.29 32.80
C ALA A 29 0.18 -13.95 33.74
N LEU A 30 0.70 -13.17 34.68
CA LEU A 30 1.70 -13.70 35.61
C LEU A 30 1.04 -14.63 36.61
N GLN A 31 -0.24 -14.40 36.84
CA GLN A 31 -1.00 -15.27 37.73
C GLN A 31 -1.18 -16.64 37.10
N VAL A 32 -1.29 -16.67 35.78
CA VAL A 32 -1.41 -17.91 35.03
C VAL A 32 -0.11 -18.69 35.17
N GLY A 33 0.99 -17.96 35.31
CA GLY A 33 2.29 -18.58 35.52
C GLY A 33 2.36 -19.28 36.86
N LYS A 34 1.89 -18.61 37.90
CA LYS A 34 1.90 -19.18 39.24
C LYS A 34 1.01 -20.41 39.36
N ALA A 35 -0.14 -20.38 38.69
CA ALA A 35 -1.05 -21.52 38.70
C ALA A 35 -0.40 -22.68 38.00
N ARG A 36 0.26 -22.37 36.89
CA ARG A 36 0.98 -23.34 36.10
C ARG A 36 1.97 -24.11 36.98
N LEU A 37 2.62 -23.39 37.88
CA LEU A 37 3.61 -23.99 38.77
C LEU A 37 2.91 -24.67 39.94
N LYS A 38 1.98 -23.97 40.56
CA LYS A 38 1.29 -24.46 41.74
C LYS A 38 0.53 -25.76 41.47
N TYR A 39 -0.19 -25.82 40.36
CA TYR A 39 -0.95 -27.02 40.01
C TYR A 39 -0.22 -27.82 38.96
N LYS A 40 1.04 -28.14 39.22
CA LYS A 40 1.94 -28.84 38.29
C LYS A 40 1.43 -29.17 36.88
N VAL A 41 0.86 -28.17 36.20
CA VAL A 41 0.55 -28.28 34.77
C VAL A 41 1.77 -27.83 33.97
N THR A 42 2.39 -28.74 33.23
CA THR A 42 3.60 -28.41 32.49
C THR A 42 3.27 -27.92 31.08
N PRO A 43 3.96 -26.86 30.62
CA PRO A 43 3.72 -26.36 29.26
C PRO A 43 3.99 -27.44 28.20
N PRO A 44 3.30 -27.38 27.05
CA PRO A 44 2.32 -26.37 26.63
C PRO A 44 0.89 -26.70 27.02
N ALA A 45 0.69 -27.73 27.83
CA ALA A 45 -0.66 -28.13 28.23
C ALA A 45 -1.35 -26.99 28.96
N VAL A 46 -2.65 -26.84 28.73
CA VAL A 46 -3.45 -25.89 29.48
C VAL A 46 -4.66 -26.61 30.08
N THR A 47 -4.57 -27.93 30.13
CA THR A 47 -5.58 -28.75 30.76
C THR A 47 -4.90 -29.61 31.82
N GLY A 48 -5.69 -30.20 32.70
CA GLY A 48 -5.15 -30.95 33.81
C GLY A 48 -5.86 -30.50 35.07
N SER A 49 -5.17 -29.69 35.86
CA SER A 49 -5.77 -29.16 37.07
C SER A 49 -7.03 -28.36 36.74
N PRO A 50 -8.17 -28.72 37.36
CA PRO A 50 -9.37 -27.90 37.19
C PRO A 50 -9.14 -26.46 37.64
N GLU A 51 -8.25 -26.29 38.61
CA GLU A 51 -7.93 -24.98 39.14
C GLU A 51 -7.28 -24.10 38.07
N PHE A 52 -6.34 -24.69 37.32
CA PHE A 52 -5.61 -23.94 36.30
C PHE A 52 -6.51 -23.50 35.16
N GLU A 53 -7.41 -24.37 34.72
CA GLU A 53 -8.26 -24.07 33.57
C GLU A 53 -9.18 -22.88 33.82
N ARG A 54 -9.57 -22.68 35.07
CA ARG A 54 -10.42 -21.53 35.40
C ARG A 54 -9.59 -20.26 35.33
N VAL A 55 -8.38 -20.32 35.89
CA VAL A 55 -7.46 -19.18 35.87
C VAL A 55 -7.07 -18.84 34.43
N PHE A 56 -6.72 -19.88 33.67
CA PHE A 56 -6.34 -19.70 32.27
C PHE A 56 -7.49 -19.12 31.45
N ARG A 57 -8.68 -19.72 31.59
CA ARG A 57 -9.84 -19.26 30.83
C ARG A 57 -10.23 -17.85 31.21
N ALA A 58 -10.16 -17.56 32.52
CA ALA A 58 -10.50 -16.23 33.02
C ALA A 58 -9.58 -15.23 32.34
N GLN A 59 -8.30 -15.57 32.32
CA GLN A 59 -7.31 -14.70 31.71
C GLN A 59 -7.54 -14.54 30.20
N GLN A 60 -7.99 -15.59 29.53
N GLN A 60 -7.99 -15.60 29.55
CA GLN A 60 -8.23 -15.53 28.09
CA GLN A 60 -8.27 -15.59 28.12
C GLN A 60 -9.44 -14.66 27.77
C GLN A 60 -9.44 -14.68 27.78
N ASN A 61 -10.44 -14.66 28.64
CA ASN A 61 -11.59 -13.81 28.46
C ASN A 61 -11.19 -12.33 28.60
N CYS A 62 -10.25 -12.06 29.50
CA CYS A 62 -9.79 -10.69 29.67
C CYS A 62 -9.00 -10.15 28.47
N VAL A 63 -8.21 -11.00 27.84
CA VAL A 63 -7.42 -10.52 26.71
C VAL A 63 -8.32 -10.20 25.51
N GLU A 64 -9.36 -10.99 25.26
CA GLU A 64 -10.17 -10.77 24.06
C GLU A 64 -10.98 -9.48 24.14
N PHE A 65 -11.30 -9.04 25.35
CA PHE A 65 -12.09 -7.83 25.53
C PHE A 65 -11.20 -6.62 25.73
N TYR A 66 -9.91 -6.84 25.92
CA TYR A 66 -9.03 -5.74 26.26
C TYR A 66 -8.92 -4.71 25.13
N PRO A 67 -8.68 -5.15 23.88
CA PRO A 67 -8.57 -4.15 22.81
C PRO A 67 -9.87 -3.39 22.60
N ILE A 68 -10.99 -4.08 22.82
CA ILE A 68 -12.30 -3.45 22.74
C ILE A 68 -12.39 -2.34 23.77
N PHE A 69 -11.96 -2.63 24.99
CA PHE A 69 -11.97 -1.67 26.06
C PHE A 69 -11.12 -0.45 25.71
N ILE A 70 -9.91 -0.71 25.25
CA ILE A 70 -8.98 0.39 24.93
C ILE A 70 -9.55 1.30 23.86
N ILE A 71 -10.04 0.71 22.78
CA ILE A 71 -10.61 1.51 21.70
C ILE A 71 -11.80 2.31 22.21
N THR A 72 -12.77 1.66 22.84
CA THR A 72 -13.96 2.37 23.32
C THR A 72 -13.66 3.39 24.42
N LEU A 73 -12.64 3.12 25.22
CA LEU A 73 -12.21 4.06 26.24
C LEU A 73 -11.71 5.34 25.60
N TRP A 74 -10.86 5.19 24.60
CA TRP A 74 -10.26 6.35 23.95
C TRP A 74 -11.24 7.10 23.05
N MET A 75 -12.10 6.37 22.35
CA MET A 75 -13.09 7.01 21.50
C MET A 75 -14.04 7.84 22.36
N ALA A 76 -14.49 7.25 23.46
CA ALA A 76 -15.31 7.97 24.43
C ALA A 76 -14.52 9.12 25.03
N GLY A 77 -13.27 8.84 25.40
CA GLY A 77 -12.41 9.83 26.01
C GLY A 77 -12.10 11.01 25.12
N TRP A 78 -11.97 10.76 23.82
CA TRP A 78 -11.53 11.78 22.88
C TRP A 78 -12.68 12.60 22.30
N TYR A 79 -13.81 11.94 22.09
CA TYR A 79 -14.93 12.55 21.36
C TYR A 79 -16.11 12.93 22.24
N PHE A 80 -16.17 12.41 23.47
CA PHE A 80 -17.25 12.78 24.38
C PHE A 80 -16.74 13.57 25.58
N ASN A 81 -16.02 12.91 26.48
CA ASN A 81 -15.49 13.58 27.67
C ASN A 81 -14.43 12.73 28.37
N GLN A 82 -13.27 13.32 28.61
CA GLN A 82 -12.14 12.57 29.14
C GLN A 82 -12.35 12.09 30.58
N VAL A 83 -12.80 12.99 31.45
CA VAL A 83 -13.00 12.65 32.86
C VAL A 83 -14.01 11.51 33.05
N PHE A 84 -15.15 11.60 32.37
CA PHE A 84 -16.17 10.57 32.51
C PHE A 84 -15.70 9.23 31.97
N ALA A 85 -15.00 9.25 30.84
CA ALA A 85 -14.46 8.02 30.28
C ALA A 85 -13.49 7.37 31.25
N THR A 86 -12.61 8.18 31.82
CA THR A 86 -11.65 7.70 32.80
C THR A 86 -12.34 6.99 33.97
N CYS A 87 -13.36 7.64 34.53
CA CYS A 87 -14.07 7.07 35.67
C CYS A 87 -14.65 5.72 35.28
N LEU A 88 -15.29 5.66 34.13
CA LEU A 88 -15.82 4.40 33.62
C LEU A 88 -14.70 3.38 33.42
N GLY A 89 -13.57 3.84 32.90
CA GLY A 89 -12.43 2.97 32.68
C GLY A 89 -12.01 2.28 33.98
N LEU A 90 -11.97 3.06 35.06
CA LEU A 90 -11.57 2.54 36.35
C LEU A 90 -12.54 1.47 36.86
N VAL A 91 -13.83 1.68 36.66
CA VAL A 91 -14.81 0.70 37.08
C VAL A 91 -14.60 -0.59 36.29
N TYR A 92 -14.29 -0.45 35.01
CA TYR A 92 -14.01 -1.62 34.17
C TYR A 92 -12.84 -2.42 34.72
N ILE A 93 -11.80 -1.71 35.17
CA ILE A 93 -10.63 -2.34 35.75
C ILE A 93 -11.02 -3.12 37.00
N TYR A 94 -11.90 -2.54 37.80
CA TYR A 94 -12.39 -3.20 38.99
C TYR A 94 -13.32 -4.37 38.65
N GLY A 95 -14.18 -4.18 37.66
CA GLY A 95 -15.06 -5.24 37.23
C GLY A 95 -14.26 -6.45 36.81
N ARG A 96 -13.14 -6.19 36.14
CA ARG A 96 -12.26 -7.25 35.66
C ARG A 96 -11.50 -7.89 36.82
N HIS A 97 -11.19 -7.08 37.82
CA HIS A 97 -10.60 -7.61 39.04
C HIS A 97 -11.54 -8.62 39.69
N LEU A 98 -12.80 -8.23 39.83
CA LEU A 98 -13.80 -9.11 40.39
C LEU A 98 -13.95 -10.37 39.53
N TYR A 99 -14.08 -10.17 38.22
CA TYR A 99 -14.23 -11.28 37.28
C TYR A 99 -13.13 -12.31 37.40
N PHE A 100 -11.89 -11.84 37.42
CA PHE A 100 -10.75 -12.75 37.37
C PHE A 100 -10.69 -13.63 38.62
N TRP A 101 -10.67 -13.01 39.78
CA TRP A 101 -10.54 -13.74 41.03
C TRP A 101 -11.79 -14.55 41.33
N GLY A 102 -12.95 -14.03 40.91
CA GLY A 102 -14.19 -14.76 41.02
C GLY A 102 -14.12 -16.09 40.30
N TYR A 103 -13.69 -16.04 39.04
CA TYR A 103 -13.59 -17.23 38.20
C TYR A 103 -12.64 -18.25 38.82
N SER A 104 -11.51 -17.78 39.34
CA SER A 104 -10.49 -18.67 39.90
C SER A 104 -11.05 -19.56 41.01
N GLU A 105 -11.94 -18.99 41.82
CA GLU A 105 -12.61 -19.76 42.86
C GLU A 105 -13.66 -20.70 42.25
N ALA A 106 -14.56 -20.14 41.46
CA ALA A 106 -15.60 -20.93 40.81
C ALA A 106 -16.23 -20.20 39.63
N ALA A 107 -16.63 -20.98 38.62
CA ALA A 107 -17.24 -20.42 37.43
C ALA A 107 -18.46 -19.60 37.76
N LYS A 108 -19.15 -19.95 38.85
CA LYS A 108 -20.38 -19.27 39.22
C LYS A 108 -20.10 -17.86 39.71
N LYS A 109 -18.90 -17.65 40.27
CA LYS A 109 -18.55 -16.38 40.89
C LYS A 109 -17.94 -15.36 39.92
N ARG A 110 -18.04 -15.61 38.62
CA ARG A 110 -17.50 -14.69 37.63
C ARG A 110 -18.54 -13.69 37.12
N ILE A 111 -19.83 -13.97 37.36
CA ILE A 111 -20.90 -13.27 36.65
C ILE A 111 -21.01 -11.78 36.96
N THR A 112 -20.85 -11.40 38.22
CA THR A 112 -20.97 -10.00 38.61
C THR A 112 -19.90 -9.16 37.95
N GLY A 113 -18.66 -9.61 38.03
CA GLY A 113 -17.54 -8.92 37.43
C GLY A 113 -17.69 -8.80 35.93
N PHE A 114 -18.10 -9.90 35.29
CA PHE A 114 -18.31 -9.91 33.86
C PHE A 114 -19.41 -8.93 33.47
N ARG A 115 -20.56 -9.04 34.14
CA ARG A 115 -21.70 -8.18 33.84
C ARG A 115 -21.35 -6.71 34.04
N LEU A 116 -20.60 -6.42 35.09
CA LEU A 116 -20.17 -5.05 35.35
C LEU A 116 -19.25 -4.58 34.24
N SER A 117 -18.32 -5.43 33.82
CA SER A 117 -17.37 -5.09 32.77
C SER A 117 -18.04 -4.81 31.43
N LEU A 118 -19.01 -5.63 31.06
CA LEU A 118 -19.70 -5.46 29.79
C LEU A 118 -20.68 -4.29 29.80
N GLY A 119 -21.26 -4.01 30.97
CA GLY A 119 -22.11 -2.85 31.12
C GLY A 119 -21.31 -1.58 30.87
N ILE A 120 -20.11 -1.52 31.43
CA ILE A 120 -19.24 -0.37 31.23
C ILE A 120 -18.81 -0.23 29.77
N LEU A 121 -18.52 -1.35 29.12
CA LEU A 121 -18.12 -1.35 27.71
C LEU A 121 -19.25 -0.85 26.84
N ALA A 122 -20.48 -1.23 27.19
CA ALA A 122 -21.64 -0.79 26.44
C ALA A 122 -21.77 0.72 26.52
N LEU A 123 -21.56 1.28 27.70
CA LEU A 123 -21.72 2.71 27.89
C LEU A 123 -20.59 3.48 27.20
N LEU A 124 -19.36 3.01 27.34
CA LEU A 124 -18.24 3.63 26.64
C LEU A 124 -18.52 3.67 25.14
N THR A 125 -18.96 2.54 24.60
CA THR A 125 -19.31 2.41 23.20
C THR A 125 -20.38 3.43 22.81
N LEU A 126 -21.40 3.53 23.65
CA LEU A 126 -22.49 4.45 23.43
C LEU A 126 -21.95 5.88 23.34
N LEU A 127 -21.20 6.30 24.36
CA LEU A 127 -20.64 7.65 24.40
C LEU A 127 -19.73 7.92 23.21
N GLY A 128 -18.93 6.94 22.85
CA GLY A 128 -18.04 7.07 21.71
C GLY A 128 -18.83 7.30 20.43
N ALA A 129 -19.90 6.53 20.24
CA ALA A 129 -20.76 6.72 19.08
C ALA A 129 -21.35 8.12 19.08
N LEU A 130 -21.88 8.56 20.22
CA LEU A 130 -22.44 9.90 20.33
C LEU A 130 -21.42 11.00 20.05
N GLY A 131 -20.26 10.94 20.69
CA GLY A 131 -19.24 11.96 20.49
C GLY A 131 -18.76 12.05 19.05
N ILE A 132 -18.67 10.92 18.36
CA ILE A 132 -18.22 10.88 16.98
C ILE A 132 -19.26 11.42 16.00
N ALA A 133 -20.51 10.98 16.17
CA ALA A 133 -21.63 11.50 15.39
C ALA A 133 -21.68 13.02 15.57
N ASN A 134 -21.61 13.45 16.82
CA ASN A 134 -21.63 14.86 17.15
C ASN A 134 -20.52 15.61 16.43
N SER A 135 -19.34 15.00 16.40
CA SER A 135 -18.17 15.59 15.77
C SER A 135 -18.27 15.49 14.25
N PHE A 136 -18.89 14.41 13.79
CA PHE A 136 -19.10 14.20 12.36
C PHE A 136 -19.99 15.31 11.79
N LEU A 137 -21.02 15.71 12.55
CA LEU A 137 -21.94 16.75 12.07
C LEU A 137 -21.29 18.12 11.99
N ASP A 138 -20.09 18.26 12.54
CA ASP A 138 -19.36 19.51 12.43
C ASP A 138 -18.42 19.58 11.24
N GLU A 139 -17.59 18.56 11.07
CA GLU A 139 -16.61 18.55 10.00
C GLU A 139 -17.12 18.18 8.61
N TYR A 140 -17.97 17.16 8.52
CA TYR A 140 -18.43 16.70 7.21
C TYR A 140 -19.75 17.33 6.76
N LEU A 141 -20.74 17.40 7.65
CA LEU A 141 -22.04 17.98 7.31
C LEU A 141 -22.17 19.46 7.70
N ASP A 142 -21.07 20.08 8.11
CA ASP A 142 -21.00 21.53 8.26
C ASP A 142 -21.99 22.13 9.28
N LEU A 143 -22.64 21.28 10.07
CA LEU A 143 -23.50 21.79 11.14
C LEU A 143 -22.63 22.29 12.29
N ASN A 144 -21.82 23.31 12.00
CA ASN A 144 -20.80 23.79 12.93
C ASN A 144 -21.38 24.31 14.24
N ASN B 10 -8.77 15.45 12.44
CA ASN B 10 -9.85 14.59 11.96
C ASN B 10 -9.80 13.18 12.56
N SER B 11 -9.44 12.17 11.75
CA SER B 11 -9.39 10.77 12.18
C SER B 11 -10.77 10.28 12.59
N ILE B 12 -11.81 11.00 12.18
CA ILE B 12 -13.18 10.67 12.53
C ILE B 12 -13.64 9.42 11.80
N LEU B 13 -13.19 9.25 10.56
CA LEU B 13 -13.52 8.06 9.79
C LEU B 13 -12.84 6.82 10.38
N LEU B 14 -11.58 6.95 10.77
CA LEU B 14 -10.88 5.87 11.44
C LEU B 14 -11.58 5.52 12.74
N ALA B 15 -11.98 6.55 13.47
CA ALA B 15 -12.67 6.35 14.75
C ALA B 15 -13.96 5.58 14.53
N ALA B 16 -14.73 5.98 13.53
CA ALA B 16 -15.99 5.33 13.27
C ALA B 16 -15.77 3.87 12.92
N VAL B 17 -14.80 3.59 12.05
CA VAL B 17 -14.52 2.21 11.65
C VAL B 17 -14.08 1.37 12.85
N SER B 18 -13.21 1.94 13.69
CA SER B 18 -12.70 1.25 14.85
C SER B 18 -13.83 0.86 15.81
N ILE B 19 -14.81 1.74 15.96
CA ILE B 19 -15.93 1.45 16.85
C ILE B 19 -16.82 0.41 16.21
N LEU B 20 -17.02 0.50 14.91
CA LEU B 20 -17.80 -0.50 14.21
C LEU B 20 -17.13 -1.86 14.36
N SER B 21 -15.82 -1.88 14.21
CA SER B 21 -15.05 -3.12 14.38
C SER B 21 -15.11 -3.67 15.81
N ALA B 22 -15.02 -2.79 16.80
CA ALA B 22 -15.05 -3.20 18.20
C ALA B 22 -16.40 -3.85 18.52
N CYS B 23 -17.45 -3.31 17.94
CA CYS B 23 -18.79 -3.88 18.11
C CYS B 23 -18.85 -5.30 17.58
N GLN B 24 -18.25 -5.53 16.41
CA GLN B 24 -18.25 -6.88 15.84
C GLN B 24 -17.44 -7.84 16.70
N GLN B 25 -16.32 -7.37 17.23
CA GLN B 25 -15.53 -8.19 18.15
C GLN B 25 -16.34 -8.56 19.37
N SER B 26 -17.06 -7.60 19.93
CA SER B 26 -17.95 -7.87 21.07
C SER B 26 -18.99 -8.92 20.69
N TYR B 27 -19.56 -8.76 19.50
CA TYR B 27 -20.54 -9.71 19.00
C TYR B 27 -20.00 -11.13 18.95
N PHE B 28 -18.83 -11.32 18.34
CA PHE B 28 -18.20 -12.63 18.22
C PHE B 28 -17.97 -13.27 19.58
N ALA B 29 -17.45 -12.49 20.52
CA ALA B 29 -17.17 -12.99 21.86
C ALA B 29 -18.44 -13.52 22.52
N LEU B 30 -19.52 -12.78 22.35
CA LEU B 30 -20.78 -13.16 22.97
C LEU B 30 -21.41 -14.36 22.28
N GLN B 31 -21.09 -14.56 21.00
CA GLN B 31 -21.59 -15.71 20.26
C GLN B 31 -21.03 -16.99 20.84
N VAL B 32 -19.81 -16.91 21.35
CA VAL B 32 -19.17 -18.07 21.97
C VAL B 32 -19.94 -18.45 23.21
N GLY B 33 -20.50 -17.44 23.89
CA GLY B 33 -21.33 -17.67 25.05
C GLY B 33 -22.61 -18.37 24.66
N LYS B 34 -23.24 -17.92 23.58
CA LYS B 34 -24.46 -18.55 23.12
C LYS B 34 -24.20 -19.99 22.71
N ALA B 35 -23.03 -20.23 22.14
CA ALA B 35 -22.64 -21.57 21.71
C ALA B 35 -22.54 -22.50 22.91
N ARG B 36 -21.98 -22.00 24.01
CA ARG B 36 -21.87 -22.76 25.25
C ARG B 36 -23.22 -23.30 25.68
N LEU B 37 -24.27 -22.50 25.49
CA LEU B 37 -25.61 -22.89 25.92
C LEU B 37 -26.24 -23.90 24.98
N LYS B 38 -26.23 -23.64 23.68
CA LYS B 38 -26.87 -24.56 22.74
C LYS B 38 -26.21 -25.92 22.74
N TYR B 39 -24.89 -25.95 22.76
CA TYR B 39 -24.17 -27.23 22.71
C TYR B 39 -23.72 -27.73 24.08
N LYS B 40 -24.26 -27.12 25.12
CA LYS B 40 -24.02 -27.55 26.51
C LYS B 40 -22.54 -27.76 26.89
N VAL B 41 -21.69 -26.81 26.53
CA VAL B 41 -20.31 -26.81 26.98
C VAL B 41 -20.18 -26.00 28.28
N THR B 42 -19.73 -26.65 29.34
CA THR B 42 -19.61 -26.03 30.65
C THR B 42 -18.26 -25.33 30.84
N PRO B 43 -18.26 -24.08 31.34
CA PRO B 43 -16.99 -23.38 31.59
C PRO B 43 -16.13 -24.12 32.62
N PRO B 44 -14.79 -24.04 32.50
CA PRO B 44 -14.00 -23.27 31.53
C PRO B 44 -13.68 -24.03 30.24
N ALA B 45 -14.32 -25.18 30.03
CA ALA B 45 -14.06 -26.00 28.85
C ALA B 45 -14.34 -25.22 27.56
N VAL B 46 -13.49 -25.43 26.56
CA VAL B 46 -13.67 -24.85 25.23
C VAL B 46 -13.62 -25.94 24.15
N THR B 47 -13.92 -27.17 24.56
CA THR B 47 -13.98 -28.30 23.65
C THR B 47 -15.33 -29.00 23.77
N GLY B 48 -15.58 -29.95 22.88
CA GLY B 48 -16.81 -30.74 22.87
C GLY B 48 -17.45 -30.91 21.50
N SER B 49 -18.60 -30.28 21.31
CA SER B 49 -19.29 -30.32 20.03
C SER B 49 -18.45 -29.72 18.92
N PRO B 50 -18.27 -30.45 17.80
CA PRO B 50 -17.58 -29.85 16.66
C PRO B 50 -18.25 -28.55 16.23
N GLU B 51 -19.56 -28.45 16.47
CA GLU B 51 -20.27 -27.22 16.16
C GLU B 51 -19.77 -26.09 17.04
N PHE B 52 -19.60 -26.37 18.33
CA PHE B 52 -19.09 -25.37 19.25
C PHE B 52 -17.62 -25.06 18.97
N GLU B 53 -16.86 -26.11 18.68
CA GLU B 53 -15.42 -25.97 18.49
C GLU B 53 -15.06 -25.10 17.29
N ARG B 54 -15.91 -25.07 16.26
CA ARG B 54 -15.65 -24.22 15.10
C ARG B 54 -15.88 -22.75 15.45
N VAL B 55 -16.98 -22.48 16.17
CA VAL B 55 -17.31 -21.14 16.60
C VAL B 55 -16.24 -20.55 17.51
N PHE B 56 -15.78 -21.37 18.45
CA PHE B 56 -14.74 -20.94 19.37
C PHE B 56 -13.47 -20.58 18.62
N ARG B 57 -13.05 -21.43 17.69
CA ARG B 57 -11.82 -21.20 16.95
C ARG B 57 -11.93 -19.96 16.06
N ALA B 58 -13.09 -19.80 15.43
CA ALA B 58 -13.33 -18.66 14.57
C ALA B 58 -13.20 -17.37 15.38
N GLN B 59 -13.84 -17.34 16.54
CA GLN B 59 -13.76 -16.16 17.39
C GLN B 59 -12.33 -15.97 17.87
N GLN B 60 -11.65 -17.08 18.15
CA GLN B 60 -10.29 -17.02 18.64
C GLN B 60 -9.34 -16.54 17.54
N ASN B 61 -9.61 -16.92 16.29
CA ASN B 61 -8.82 -16.44 15.16
C ASN B 61 -9.03 -14.94 14.91
N CYS B 62 -10.25 -14.46 15.12
CA CYS B 62 -10.54 -13.05 14.95
C CYS B 62 -9.84 -12.22 16.03
N VAL B 63 -9.68 -12.80 17.22
CA VAL B 63 -9.03 -12.10 18.32
C VAL B 63 -7.55 -11.85 18.04
N GLU B 64 -6.85 -12.85 17.51
CA GLU B 64 -5.41 -12.72 17.33
C GLU B 64 -5.05 -11.73 16.21
N PHE B 65 -5.96 -11.53 15.26
CA PHE B 65 -5.70 -10.62 14.15
C PHE B 65 -6.24 -9.21 14.37
N TYR B 66 -7.04 -9.03 15.41
CA TYR B 66 -7.70 -7.74 15.61
C TYR B 66 -6.69 -6.63 15.91
N PRO B 67 -5.78 -6.85 16.86
CA PRO B 67 -4.84 -5.76 17.13
C PRO B 67 -3.95 -5.45 15.94
N ILE B 68 -3.65 -6.47 15.15
CA ILE B 68 -2.89 -6.30 13.91
C ILE B 68 -3.68 -5.38 12.99
N PHE B 69 -4.97 -5.66 12.87
CA PHE B 69 -5.86 -4.88 12.03
C PHE B 69 -5.91 -3.44 12.49
N ILE B 70 -6.14 -3.22 13.78
CA ILE B 70 -6.26 -1.86 14.30
C ILE B 70 -5.00 -1.04 14.05
N ILE B 71 -3.84 -1.59 14.38
CA ILE B 71 -2.59 -0.85 14.16
C ILE B 71 -2.40 -0.47 12.69
N THR B 72 -2.47 -1.44 11.78
CA THR B 72 -2.24 -1.14 10.36
C THR B 72 -3.31 -0.20 9.80
N LEU B 73 -4.53 -0.29 10.34
CA LEU B 73 -5.61 0.59 9.94
C LEU B 73 -5.25 2.03 10.25
N TRP B 74 -4.81 2.26 11.48
CA TRP B 74 -4.51 3.62 11.91
C TRP B 74 -3.22 4.11 11.26
N MET B 75 -2.22 3.24 11.14
CA MET B 75 -0.98 3.60 10.48
C MET B 75 -1.22 3.94 9.01
N ALA B 76 -2.04 3.14 8.33
CA ALA B 76 -2.44 3.43 6.96
C ALA B 76 -3.21 4.74 6.88
N GLY B 77 -4.18 4.91 7.78
CA GLY B 77 -5.02 6.09 7.78
C GLY B 77 -4.26 7.37 8.02
N TRP B 78 -3.20 7.31 8.84
CA TRP B 78 -2.46 8.50 9.23
C TRP B 78 -1.28 8.84 8.34
N TYR B 79 -0.63 7.82 7.78
CA TYR B 79 0.60 8.03 7.05
C TYR B 79 0.43 7.91 5.53
N PHE B 80 -0.68 7.34 5.10
CA PHE B 80 -0.96 7.28 3.67
C PHE B 80 -2.23 8.07 3.33
N ASN B 81 -3.38 7.54 3.72
CA ASN B 81 -4.65 8.18 3.40
C ASN B 81 -5.82 7.62 4.22
N GLN B 82 -6.57 8.50 4.87
CA GLN B 82 -7.63 8.10 5.78
C GLN B 82 -8.81 7.45 5.08
N VAL B 83 -9.31 8.10 4.03
CA VAL B 83 -10.48 7.59 3.30
C VAL B 83 -10.18 6.21 2.73
N PHE B 84 -9.03 6.06 2.11
CA PHE B 84 -8.66 4.80 1.50
C PHE B 84 -8.52 3.72 2.57
N ALA B 85 -7.88 4.07 3.68
CA ALA B 85 -7.74 3.17 4.82
C ALA B 85 -9.10 2.79 5.41
N THR B 86 -9.97 3.79 5.55
CA THR B 86 -11.33 3.58 6.02
C THR B 86 -12.08 2.57 5.15
N CYS B 87 -12.01 2.76 3.83
CA CYS B 87 -12.67 1.88 2.88
C CYS B 87 -12.18 0.45 3.00
N LEU B 88 -10.85 0.29 3.08
CA LEU B 88 -10.26 -1.01 3.30
C LEU B 88 -10.76 -1.60 4.62
N GLY B 89 -10.79 -0.76 5.65
CA GLY B 89 -11.24 -1.18 6.96
C GLY B 89 -12.64 -1.74 6.90
N LEU B 90 -13.51 -1.09 6.14
CA LEU B 90 -14.88 -1.57 6.00
C LEU B 90 -14.91 -2.96 5.34
N VAL B 91 -14.06 -3.16 4.35
CA VAL B 91 -13.97 -4.45 3.68
C VAL B 91 -13.44 -5.54 4.62
N TYR B 92 -12.43 -5.20 5.43
CA TYR B 92 -11.89 -6.14 6.39
C TYR B 92 -12.96 -6.62 7.35
N ILE B 93 -13.76 -5.68 7.82
CA ILE B 93 -14.84 -6.00 8.73
C ILE B 93 -15.81 -6.99 8.06
N TYR B 94 -16.11 -6.77 6.79
CA TYR B 94 -16.99 -7.70 6.07
C TYR B 94 -16.33 -9.05 5.86
N GLY B 95 -15.04 -9.02 5.55
CA GLY B 95 -14.29 -10.25 5.37
C GLY B 95 -14.38 -11.10 6.61
N ARG B 96 -14.30 -10.45 7.77
CA ARG B 96 -14.38 -11.16 9.03
C ARG B 96 -15.79 -11.67 9.30
N HIS B 97 -16.80 -10.92 8.85
CA HIS B 97 -18.17 -11.40 8.91
C HIS B 97 -18.31 -12.71 8.15
N LEU B 98 -17.77 -12.76 6.94
CA LEU B 98 -17.77 -13.99 6.14
C LEU B 98 -17.03 -15.13 6.79
N TYR B 99 -15.82 -14.85 7.26
CA TYR B 99 -14.99 -15.87 7.89
C TYR B 99 -15.73 -16.53 9.02
N PHE B 100 -16.31 -15.72 9.90
CA PHE B 100 -16.90 -16.23 11.13
C PHE B 100 -18.08 -17.13 10.81
N TRP B 101 -19.03 -16.64 10.03
CA TRP B 101 -20.22 -17.42 9.71
C TRP B 101 -19.86 -18.59 8.82
N GLY B 102 -18.86 -18.39 7.98
CA GLY B 102 -18.32 -19.48 7.17
C GLY B 102 -17.80 -20.61 8.02
N TYR B 103 -16.94 -20.28 8.98
CA TYR B 103 -16.35 -21.27 9.87
C TYR B 103 -17.43 -22.02 10.63
N SER B 104 -18.45 -21.30 11.10
CA SER B 104 -19.53 -21.91 11.88
C SER B 104 -20.24 -23.02 11.09
N GLU B 105 -20.42 -22.81 9.80
CA GLU B 105 -21.07 -23.82 8.97
C GLU B 105 -20.12 -24.99 8.75
N ALA B 106 -18.90 -24.69 8.28
CA ALA B 106 -17.89 -25.71 8.08
C ALA B 106 -16.52 -25.05 7.98
N ALA B 107 -15.49 -25.74 8.48
CA ALA B 107 -14.13 -25.22 8.45
C ALA B 107 -13.70 -24.92 7.01
N LYS B 108 -14.26 -25.66 6.08
CA LYS B 108 -13.88 -25.55 4.68
C LYS B 108 -14.40 -24.24 4.08
N LYS B 109 -15.52 -23.76 4.62
CA LYS B 109 -16.19 -22.57 4.11
C LYS B 109 -15.72 -21.27 4.78
N ARG B 110 -14.61 -21.34 5.51
CA ARG B 110 -14.04 -20.17 6.18
C ARG B 110 -13.01 -19.46 5.29
N ILE B 111 -12.58 -20.15 4.24
CA ILE B 111 -11.41 -19.76 3.48
C ILE B 111 -11.60 -18.43 2.75
N THR B 112 -12.80 -18.21 2.23
CA THR B 112 -13.05 -16.99 1.48
C THR B 112 -12.90 -15.77 2.37
N GLY B 113 -13.55 -15.82 3.53
CA GLY B 113 -13.49 -14.74 4.49
C GLY B 113 -12.07 -14.49 4.97
N PHE B 114 -11.35 -15.58 5.25
CA PHE B 114 -9.97 -15.47 5.73
C PHE B 114 -9.05 -14.80 4.70
N ARG B 115 -9.03 -15.30 3.48
CA ARG B 115 -8.16 -14.77 2.44
C ARG B 115 -8.46 -13.30 2.16
N LEU B 116 -9.74 -12.93 2.14
CA LEU B 116 -10.11 -11.54 1.89
C LEU B 116 -9.61 -10.63 3.00
N SER B 117 -9.83 -11.04 4.25
CA SER B 117 -9.42 -10.23 5.40
C SER B 117 -7.89 -10.12 5.42
N LEU B 118 -7.21 -11.21 5.10
CA LEU B 118 -5.75 -11.23 5.11
C LEU B 118 -5.17 -10.38 3.97
N GLY B 119 -5.86 -10.35 2.83
CA GLY B 119 -5.46 -9.51 1.73
C GLY B 119 -5.53 -8.04 2.11
N ILE B 120 -6.63 -7.68 2.77
CA ILE B 120 -6.81 -6.32 3.25
C ILE B 120 -5.74 -5.98 4.30
N LEU B 121 -5.44 -6.94 5.17
CA LEU B 121 -4.44 -6.74 6.21
C LEU B 121 -3.07 -6.50 5.57
N ALA B 122 -2.79 -7.22 4.49
CA ALA B 122 -1.57 -7.05 3.74
C ALA B 122 -1.49 -5.66 3.11
N LEU B 123 -2.59 -5.20 2.52
CA LEU B 123 -2.58 -3.90 1.86
C LEU B 123 -2.48 -2.77 2.86
N LEU B 124 -3.24 -2.84 3.94
CA LEU B 124 -3.15 -1.84 5.00
C LEU B 124 -1.72 -1.78 5.48
N THR B 125 -1.12 -2.94 5.70
CA THR B 125 0.28 -3.02 6.11
C THR B 125 1.18 -2.33 5.09
N LEU B 126 0.97 -2.64 3.81
CA LEU B 126 1.75 -2.04 2.73
C LEU B 126 1.63 -0.52 2.73
N LEU B 127 0.38 -0.03 2.69
CA LEU B 127 0.13 1.40 2.69
C LEU B 127 0.74 2.07 3.90
N GLY B 128 0.61 1.44 5.07
CA GLY B 128 1.17 1.97 6.29
C GLY B 128 2.68 2.04 6.25
N ALA B 129 3.30 0.95 5.80
CA ALA B 129 4.75 0.89 5.64
C ALA B 129 5.25 1.99 4.69
N LEU B 130 4.58 2.14 3.55
CA LEU B 130 4.96 3.16 2.57
C LEU B 130 4.90 4.58 3.17
N GLY B 131 3.79 4.92 3.82
CA GLY B 131 3.65 6.22 4.44
C GLY B 131 4.69 6.49 5.53
N ILE B 132 5.02 5.47 6.31
CA ILE B 132 5.98 5.63 7.39
C ILE B 132 7.41 5.76 6.84
N ALA B 133 7.75 4.93 5.87
CA ALA B 133 9.03 5.06 5.19
C ALA B 133 9.14 6.43 4.55
N ASN B 134 8.11 6.81 3.83
CA ASN B 134 8.07 8.10 3.16
C ASN B 134 8.26 9.27 4.11
N SER B 135 7.60 9.21 5.26
CA SER B 135 7.67 10.31 6.23
C SER B 135 9.00 10.30 6.96
N PHE B 136 9.51 9.11 7.25
CA PHE B 136 10.80 8.96 7.92
C PHE B 136 11.97 9.46 7.08
N LEU B 137 11.96 9.15 5.78
CA LEU B 137 13.03 9.57 4.89
C LEU B 137 13.00 11.09 4.74
N ASP B 138 11.80 11.67 4.77
CA ASP B 138 11.65 13.11 4.69
C ASP B 138 12.06 13.77 6.01
N GLU B 139 12.21 12.94 7.05
CA GLU B 139 12.71 13.38 8.35
C GLU B 139 11.80 14.44 8.98
N GLY C 9 10.04 14.23 12.97
CA GLY C 9 9.36 12.99 13.31
C GLY C 9 8.71 13.06 14.67
N ASN C 10 7.37 13.04 14.67
CA ASN C 10 6.61 13.07 15.91
C ASN C 10 6.44 11.70 16.54
N SER C 11 5.92 10.77 15.75
CA SER C 11 5.69 9.40 16.20
C SER C 11 6.12 8.44 15.09
N ILE C 12 7.03 8.89 14.23
CA ILE C 12 7.43 8.08 13.10
C ILE C 12 8.20 6.87 13.58
N LEU C 13 9.02 7.03 14.62
CA LEU C 13 9.75 5.90 15.18
C LEU C 13 8.80 4.90 15.84
N LEU C 14 7.84 5.41 16.60
CA LEU C 14 6.83 4.57 17.25
C LEU C 14 5.99 3.85 16.22
N ALA C 15 5.60 4.56 15.17
CA ALA C 15 4.82 3.98 14.09
C ALA C 15 5.60 2.86 13.43
N ALA C 16 6.88 3.12 13.19
CA ALA C 16 7.75 2.17 12.54
C ALA C 16 7.87 0.87 13.35
N VAL C 17 8.07 1.00 14.65
CA VAL C 17 8.18 -0.19 15.50
C VAL C 17 6.88 -0.98 15.50
N SER C 18 5.77 -0.27 15.57
CA SER C 18 4.45 -0.89 15.60
C SER C 18 4.18 -1.69 14.33
N ILE C 19 4.63 -1.18 13.19
CA ILE C 19 4.41 -1.88 11.94
C ILE C 19 5.31 -3.11 11.89
N LEU C 20 6.56 -2.97 12.34
CA LEU C 20 7.42 -4.13 12.41
C LEU C 20 6.87 -5.19 13.38
N SER C 21 6.38 -4.75 14.53
CA SER C 21 5.84 -5.68 15.52
C SER C 21 4.61 -6.39 14.98
N ALA C 22 3.74 -5.64 14.31
CA ALA C 22 2.53 -6.21 13.74
C ALA C 22 2.84 -7.24 12.67
N CYS C 23 3.87 -6.97 11.87
CA CYS C 23 4.30 -7.93 10.86
C CYS C 23 4.75 -9.24 11.51
N GLN C 24 5.47 -9.15 12.62
CA GLN C 24 5.92 -10.36 13.31
C GLN C 24 4.73 -11.11 13.87
N GLN C 25 3.73 -10.38 14.37
CA GLN C 25 2.50 -10.96 14.87
C GLN C 25 1.80 -11.73 13.75
N SER C 26 1.77 -11.14 12.56
CA SER C 26 1.20 -11.79 11.40
C SER C 26 1.95 -13.07 11.10
N TYR C 27 3.28 -12.98 11.13
CA TYR C 27 4.14 -14.12 10.87
C TYR C 27 3.78 -15.28 11.81
N PHE C 28 3.74 -14.98 13.10
CA PHE C 28 3.43 -15.97 14.12
C PHE C 28 2.09 -16.65 13.89
N ALA C 29 1.06 -15.85 13.62
CA ALA C 29 -0.27 -16.39 13.40
C ALA C 29 -0.29 -17.32 12.19
N LEU C 30 0.43 -16.94 11.14
CA LEU C 30 0.45 -17.72 9.92
C LEU C 30 1.29 -18.99 10.08
N GLN C 31 2.24 -18.99 11.01
CA GLN C 31 3.04 -20.19 11.23
C GLN C 31 2.19 -21.31 11.79
N VAL C 32 1.19 -20.96 12.61
CA VAL C 32 0.29 -21.96 13.20
C VAL C 32 -0.54 -22.60 12.10
N GLY C 33 -0.85 -21.82 11.08
CA GLY C 33 -1.57 -22.32 9.94
C GLY C 33 -0.70 -23.31 9.20
N LYS C 34 0.56 -22.93 9.03
CA LYS C 34 1.53 -23.80 8.36
C LYS C 34 1.74 -25.05 9.20
N ALA C 35 1.69 -24.89 10.51
CA ALA C 35 1.87 -25.98 11.46
C ALA C 35 0.78 -27.05 11.34
N ARG C 36 -0.46 -26.61 11.11
CA ARG C 36 -1.58 -27.54 10.91
C ARG C 36 -1.30 -28.56 9.81
N LEU C 37 -0.60 -28.12 8.77
CA LEU C 37 -0.30 -28.97 7.62
C LEU C 37 0.85 -29.92 7.91
N LYS C 38 1.93 -29.39 8.44
CA LYS C 38 3.12 -30.18 8.69
C LYS C 38 2.84 -31.31 9.70
N TYR C 39 2.12 -31.00 10.77
CA TYR C 39 1.84 -31.97 11.82
C TYR C 39 0.43 -32.59 11.73
N LYS C 40 -0.27 -32.27 10.66
CA LYS C 40 -1.61 -32.80 10.38
C LYS C 40 -2.66 -32.58 11.48
N VAL C 41 -2.71 -31.40 12.07
CA VAL C 41 -3.82 -31.08 12.96
C VAL C 41 -4.89 -30.38 12.11
N THR C 42 -6.05 -31.03 11.98
CA THR C 42 -7.12 -30.52 11.13
C THR C 42 -8.06 -29.62 11.95
N PRO C 43 -8.43 -28.45 11.39
CA PRO C 43 -9.33 -27.55 12.12
C PRO C 43 -10.68 -28.18 12.48
N PRO C 44 -11.30 -27.78 13.60
CA PRO C 44 -10.87 -26.74 14.55
C PRO C 44 -10.01 -27.26 15.70
N ALA C 45 -9.59 -28.51 15.60
CA ALA C 45 -8.78 -29.15 16.64
C ALA C 45 -7.49 -28.37 16.87
N VAL C 46 -7.04 -28.32 18.11
CA VAL C 46 -5.76 -27.70 18.46
C VAL C 46 -4.87 -28.62 19.29
N THR C 47 -5.17 -29.91 19.28
CA THR C 47 -4.35 -30.89 19.98
C THR C 47 -3.90 -32.02 19.06
N GLY C 48 -2.95 -32.83 19.54
CA GLY C 48 -2.37 -33.90 18.76
C GLY C 48 -0.87 -33.92 18.92
N SER C 49 -0.15 -33.51 17.88
CA SER C 49 1.31 -33.46 17.92
C SER C 49 1.79 -32.52 19.01
N PRO C 50 2.71 -33.00 19.87
CA PRO C 50 3.29 -32.06 20.84
C PRO C 50 3.93 -30.86 20.14
N GLU C 51 4.41 -31.05 18.91
CA GLU C 51 5.04 -29.97 18.15
C GLU C 51 4.08 -28.84 17.82
N PHE C 52 2.87 -29.18 17.40
CA PHE C 52 1.89 -28.17 17.06
C PHE C 52 1.45 -27.41 18.30
N GLU C 53 1.29 -28.14 19.40
CA GLU C 53 0.81 -27.56 20.66
C GLU C 53 1.79 -26.55 21.24
N ARG C 54 3.08 -26.73 20.99
CA ARG C 54 4.08 -25.77 21.43
C ARG C 54 4.00 -24.52 20.57
N VAL C 55 3.88 -24.73 19.26
CA VAL C 55 3.75 -23.63 18.30
C VAL C 55 2.48 -22.84 18.58
N PHE C 56 1.39 -23.56 18.84
CA PHE C 56 0.11 -22.95 19.14
C PHE C 56 0.16 -22.10 20.42
N ARG C 57 0.71 -22.66 21.51
CA ARG C 57 0.78 -21.94 22.77
C ARG C 57 1.67 -20.73 22.69
N ALA C 58 2.79 -20.88 21.98
CA ALA C 58 3.74 -19.78 21.81
C ALA C 58 3.07 -18.59 21.14
N GLN C 59 2.35 -18.86 20.05
CA GLN C 59 1.67 -17.79 19.34
C GLN C 59 0.57 -17.21 20.21
N GLN C 60 -0.07 -18.07 20.99
CA GLN C 60 -1.14 -17.65 21.88
C GLN C 60 -0.59 -16.79 23.00
N ASN C 61 0.61 -17.10 23.45
CA ASN C 61 1.28 -16.26 24.44
C ASN C 61 1.68 -14.90 23.87
N CYS C 62 2.08 -14.89 22.60
CA CYS C 62 2.46 -13.65 21.96
C CYS C 62 1.24 -12.77 21.77
N VAL C 63 0.09 -13.39 21.53
CA VAL C 63 -1.14 -12.64 21.29
C VAL C 63 -1.60 -11.94 22.55
N GLU C 64 -1.54 -12.61 23.69
CA GLU C 64 -2.06 -12.05 24.93
C GLU C 64 -1.20 -10.91 25.46
N PHE C 65 0.07 -10.91 25.07
CA PHE C 65 1.01 -9.88 25.52
C PHE C 65 1.17 -8.75 24.52
N TYR C 66 0.62 -8.92 23.32
CA TYR C 66 0.84 -7.94 22.25
C TYR C 66 0.24 -6.58 22.57
N PRO C 67 -1.03 -6.53 22.99
CA PRO C 67 -1.64 -5.22 23.28
C PRO C 67 -0.97 -4.48 24.43
N ILE C 68 -0.43 -5.24 25.38
CA ILE C 68 0.31 -4.66 26.49
C ILE C 68 1.53 -3.94 25.95
N PHE C 69 2.23 -4.60 25.04
CA PHE C 69 3.45 -4.06 24.48
C PHE C 69 3.18 -2.75 23.77
N ILE C 70 2.17 -2.76 22.91
CA ILE C 70 1.83 -1.59 22.11
C ILE C 70 1.50 -0.39 23.00
N ILE C 71 0.65 -0.62 24.00
CA ILE C 71 0.24 0.45 24.90
C ILE C 71 1.43 1.05 25.63
N THR C 72 2.22 0.19 26.26
CA THR C 72 3.36 0.66 27.04
C THR C 72 4.41 1.26 26.12
N LEU C 73 4.50 0.74 24.90
CA LEU C 73 5.41 1.28 23.90
C LEU C 73 5.07 2.74 23.58
N TRP C 74 3.80 3.00 23.29
CA TRP C 74 3.38 4.34 22.91
C TRP C 74 3.35 5.30 24.11
N MET C 75 2.92 4.82 25.27
CA MET C 75 2.92 5.68 26.47
C MET C 75 4.34 6.06 26.85
N ALA C 76 5.24 5.09 26.82
CA ALA C 76 6.65 5.36 27.05
C ALA C 76 7.19 6.27 25.94
N GLY C 77 6.85 5.95 24.70
CA GLY C 77 7.33 6.72 23.57
C GLY C 77 6.84 8.15 23.56
N TRP C 78 5.61 8.36 24.01
CA TRP C 78 4.95 9.67 23.89
C TRP C 78 5.22 10.60 25.07
N TYR C 79 5.33 10.04 26.28
CA TYR C 79 5.41 10.85 27.49
C TYR C 79 6.80 10.89 28.14
N PHE C 80 7.68 9.96 27.76
CA PHE C 80 9.03 9.93 28.32
C PHE C 80 10.09 10.24 27.26
N ASN C 81 10.29 9.33 26.31
CA ASN C 81 11.29 9.54 25.26
C ASN C 81 11.08 8.57 24.10
N GLN C 82 10.96 9.11 22.89
CA GLN C 82 10.61 8.30 21.73
C GLN C 82 11.72 7.34 21.32
N VAL C 83 12.93 7.86 21.20
CA VAL C 83 14.06 7.06 20.75
C VAL C 83 14.29 5.89 21.70
N PHE C 84 14.29 6.18 23.00
CA PHE C 84 14.57 5.16 24.00
C PHE C 84 13.49 4.09 23.99
N ALA C 85 12.24 4.50 23.90
CA ALA C 85 11.14 3.55 23.83
C ALA C 85 11.26 2.69 22.57
N THR C 86 11.57 3.34 21.45
CA THR C 86 11.75 2.66 20.18
C THR C 86 12.81 1.56 20.24
N CYS C 87 13.97 1.89 20.83
CA CYS C 87 15.06 0.92 20.98
C CYS C 87 14.63 -0.26 21.83
N LEU C 88 13.99 0.02 22.96
CA LEU C 88 13.45 -1.02 23.83
C LEU C 88 12.46 -1.88 23.06
N GLY C 89 11.65 -1.22 22.23
CA GLY C 89 10.68 -1.90 21.39
C GLY C 89 11.30 -2.93 20.47
N LEU C 90 12.44 -2.57 19.87
CA LEU C 90 13.13 -3.48 18.97
C LEU C 90 13.60 -4.72 19.72
N VAL C 91 14.08 -4.53 20.95
CA VAL C 91 14.55 -5.64 21.78
C VAL C 91 13.41 -6.58 22.13
N TYR C 92 12.24 -6.01 22.41
CA TYR C 92 11.05 -6.80 22.69
C TYR C 92 10.73 -7.68 21.49
N ILE C 93 10.84 -7.13 20.29
CA ILE C 93 10.55 -7.89 19.09
C ILE C 93 11.52 -9.07 18.98
N TYR C 94 12.79 -8.83 19.29
CA TYR C 94 13.80 -9.87 19.22
C TYR C 94 13.58 -10.92 20.31
N GLY C 95 13.23 -10.46 21.52
CA GLY C 95 12.93 -11.37 22.61
C GLY C 95 11.81 -12.33 22.24
N ARG C 96 10.80 -11.83 21.56
CA ARG C 96 9.67 -12.63 21.11
C ARG C 96 10.08 -13.58 19.98
N HIS C 97 10.99 -13.12 19.15
CA HIS C 97 11.58 -13.96 18.11
C HIS C 97 12.29 -15.15 18.77
N LEU C 98 13.10 -14.86 19.77
CA LEU C 98 13.79 -15.91 20.53
C LEU C 98 12.78 -16.81 21.21
N TYR C 99 11.82 -16.20 21.89
CA TYR C 99 10.77 -16.95 22.59
C TYR C 99 10.05 -17.91 21.66
N PHE C 100 9.63 -17.41 20.50
CA PHE C 100 8.77 -18.19 19.62
C PHE C 100 9.44 -19.48 19.14
N TRP C 101 10.62 -19.35 18.54
CA TRP C 101 11.35 -20.50 18.02
C TRP C 101 11.85 -21.40 19.14
N GLY C 102 12.16 -20.79 20.27
CA GLY C 102 12.54 -21.52 21.47
C GLY C 102 11.44 -22.46 21.92
N TYR C 103 10.24 -21.92 22.08
CA TYR C 103 9.08 -22.69 22.50
C TYR C 103 8.81 -23.80 21.49
N SER C 104 8.95 -23.48 20.20
CA SER C 104 8.66 -24.45 19.13
C SER C 104 9.50 -25.70 19.30
N GLU C 105 10.71 -25.49 19.78
CA GLU C 105 11.62 -26.58 20.03
C GLU C 105 11.22 -27.38 21.27
N ALA C 106 11.09 -26.67 22.38
CA ALA C 106 10.67 -27.24 23.65
C ALA C 106 10.25 -26.09 24.54
N ALA C 107 9.28 -26.36 25.41
CA ALA C 107 8.78 -25.37 26.34
C ALA C 107 9.91 -24.81 27.20
N LYS C 108 10.93 -25.62 27.38
CA LYS C 108 12.03 -25.30 28.28
C LYS C 108 12.88 -24.19 27.68
N LYS C 109 12.93 -24.16 26.35
CA LYS C 109 13.80 -23.24 25.62
C LYS C 109 13.13 -21.90 25.27
N ARG C 110 12.00 -21.60 25.90
CA ARG C 110 11.31 -20.32 25.68
C ARG C 110 11.76 -19.27 26.69
N ILE C 111 12.41 -19.70 27.76
CA ILE C 111 12.61 -18.87 28.95
C ILE C 111 13.48 -17.63 28.72
N THR C 112 14.53 -17.73 27.91
CA THR C 112 15.37 -16.57 27.69
C THR C 112 14.56 -15.47 26.99
N GLY C 113 13.87 -15.85 25.92
CA GLY C 113 13.04 -14.91 25.20
C GLY C 113 11.92 -14.36 26.06
N PHE C 114 11.29 -15.23 26.83
CA PHE C 114 10.19 -14.82 27.69
C PHE C 114 10.67 -13.81 28.73
N ARG C 115 11.72 -14.16 29.45
CA ARG C 115 12.27 -13.29 30.48
C ARG C 115 12.71 -11.96 29.89
N LEU C 116 13.34 -12.01 28.73
CA LEU C 116 13.82 -10.81 28.07
C LEU C 116 12.64 -9.93 27.65
N SER C 117 11.61 -10.56 27.08
CA SER C 117 10.45 -9.81 26.61
C SER C 117 9.72 -9.12 27.74
N LEU C 118 9.53 -9.82 28.86
CA LEU C 118 8.79 -9.25 30.00
C LEU C 118 9.62 -8.20 30.73
N GLY C 119 10.93 -8.36 30.71
CA GLY C 119 11.81 -7.35 31.29
C GLY C 119 11.64 -6.00 30.62
N ILE C 120 11.57 -5.97 29.29
CA ILE C 120 11.30 -4.73 28.56
C ILE C 120 9.89 -4.25 28.87
N LEU C 121 8.95 -5.17 28.94
CA LEU C 121 7.56 -4.84 29.22
C LEU C 121 7.46 -4.17 30.58
N ALA C 122 8.25 -4.63 31.54
CA ALA C 122 8.28 -4.02 32.86
C ALA C 122 8.84 -2.61 32.75
N LEU C 123 9.90 -2.47 31.95
CA LEU C 123 10.58 -1.19 31.79
C LEU C 123 9.77 -0.15 31.05
N LEU C 124 9.11 -0.57 29.96
CA LEU C 124 8.26 0.32 29.19
C LEU C 124 7.16 0.89 30.08
N THR C 125 6.53 0.02 30.85
CA THR C 125 5.47 0.43 31.77
C THR C 125 5.96 1.51 32.73
N LEU C 126 7.13 1.28 33.32
CA LEU C 126 7.68 2.22 34.28
C LEU C 126 7.89 3.61 33.66
N LEU C 127 8.62 3.69 32.56
CA LEU C 127 8.88 4.96 31.89
C LEU C 127 7.59 5.67 31.51
N GLY C 128 6.62 4.91 31.00
CA GLY C 128 5.34 5.47 30.64
C GLY C 128 4.66 6.03 31.86
N ALA C 129 4.69 5.28 32.95
CA ALA C 129 4.11 5.74 34.22
C ALA C 129 4.78 7.03 34.68
N LEU C 130 6.12 7.02 34.69
CA LEU C 130 6.89 8.19 35.11
C LEU C 130 6.60 9.39 34.23
N GLY C 131 6.66 9.19 32.90
CA GLY C 131 6.41 10.25 31.96
C GLY C 131 5.02 10.83 32.10
N ILE C 132 4.06 9.98 32.39
CA ILE C 132 2.67 10.41 32.55
C ILE C 132 2.52 11.17 33.86
N ALA C 133 3.12 10.63 34.91
CA ALA C 133 3.14 11.31 36.19
C ALA C 133 3.73 12.69 35.99
N ASN C 134 4.85 12.74 35.27
CA ASN C 134 5.50 13.99 34.93
C ASN C 134 4.57 14.96 34.23
N SER C 135 3.78 14.43 33.31
CA SER C 135 2.88 15.26 32.51
C SER C 135 1.67 15.69 33.33
N PHE C 136 1.20 14.82 34.22
CA PHE C 136 0.07 15.14 35.09
C PHE C 136 0.37 16.31 36.02
N LEU C 137 1.59 16.35 36.52
CA LEU C 137 2.00 17.37 37.46
C LEU C 137 1.98 18.78 36.88
N ASP C 138 1.55 18.91 35.63
CA ASP C 138 1.28 20.23 35.06
C ASP C 138 -0.16 20.67 35.43
N GLU C 139 -0.71 19.98 36.43
CA GLU C 139 -1.93 20.40 37.10
C GLU C 139 -1.52 21.51 38.04
N TYR C 140 -0.25 21.45 38.46
CA TYR C 140 0.32 22.39 39.40
C TYR C 140 0.74 23.66 38.66
N LEU C 141 1.31 23.49 37.48
CA LEU C 141 1.79 24.63 36.70
C LEU C 141 0.66 25.17 35.83
N ASN D 10 15.28 -16.31 -26.47
CA ASN D 10 13.83 -16.43 -26.28
C ASN D 10 13.16 -15.10 -26.60
N SER D 11 13.54 -14.06 -25.85
CA SER D 11 13.05 -12.70 -26.07
C SER D 11 14.21 -11.75 -25.81
N ILE D 12 15.43 -12.30 -25.93
CA ILE D 12 16.65 -11.57 -25.62
C ILE D 12 16.95 -10.45 -26.61
N LEU D 13 16.64 -10.65 -27.87
CA LEU D 13 16.88 -9.62 -28.89
C LEU D 13 15.97 -8.42 -28.64
N LEU D 14 14.70 -8.67 -28.34
CA LEU D 14 13.77 -7.60 -28.04
C LEU D 14 14.23 -6.84 -26.81
N ALA D 15 14.66 -7.60 -25.81
CA ALA D 15 15.15 -7.03 -24.56
C ALA D 15 16.35 -6.14 -24.83
N ALA D 16 17.26 -6.65 -25.66
CA ALA D 16 18.48 -5.94 -25.99
C ALA D 16 18.18 -4.61 -26.69
N VAL D 17 17.26 -4.64 -27.66
CA VAL D 17 16.89 -3.43 -28.38
C VAL D 17 16.24 -2.41 -27.44
N SER D 18 15.36 -2.88 -26.58
CA SER D 18 14.66 -2.01 -25.64
C SER D 18 15.61 -1.29 -24.68
N ILE D 19 16.64 -2.00 -24.24
CA ILE D 19 17.58 -1.40 -23.30
C ILE D 19 18.43 -0.35 -24.01
N LEU D 20 18.84 -0.66 -25.23
CA LEU D 20 19.63 0.28 -26.00
C LEU D 20 18.80 1.53 -26.30
N SER D 21 17.52 1.34 -26.63
CA SER D 21 16.63 2.46 -26.92
C SER D 21 16.42 3.34 -25.67
N ALA D 22 16.25 2.71 -24.51
CA ALA D 22 16.06 3.45 -23.27
C ALA D 22 17.29 4.31 -22.96
N CYS D 23 18.47 3.79 -23.29
CA CYS D 23 19.72 4.55 -23.13
C CYS D 23 19.70 5.82 -23.98
N GLN D 24 19.21 5.71 -25.21
CA GLN D 24 19.13 6.85 -26.10
C GLN D 24 18.14 7.88 -25.56
N GLN D 25 17.03 7.40 -25.00
CA GLN D 25 16.03 8.28 -24.40
C GLN D 25 16.64 9.08 -23.25
N SER D 26 17.42 8.39 -22.43
CA SER D 26 18.12 9.02 -21.33
C SER D 26 19.08 10.07 -21.83
N TYR D 27 19.83 9.72 -22.87
CA TYR D 27 20.79 10.63 -23.48
C TYR D 27 20.06 11.90 -23.91
N PHE D 28 18.97 11.73 -24.65
CA PHE D 28 18.19 12.86 -25.13
C PHE D 28 17.71 13.75 -23.98
N ALA D 29 17.15 13.13 -22.94
CA ALA D 29 16.66 13.87 -21.79
C ALA D 29 17.77 14.66 -21.12
N LEU D 30 18.94 14.04 -21.00
CA LEU D 30 20.07 14.68 -20.34
C LEU D 30 20.67 15.76 -21.22
N GLN D 31 20.50 15.62 -22.53
CA GLN D 31 20.99 16.62 -23.46
C GLN D 31 20.22 17.92 -23.29
N VAL D 32 18.94 17.80 -22.95
CA VAL D 32 18.10 18.98 -22.71
C VAL D 32 18.60 19.70 -21.47
N GLY D 33 19.10 18.93 -20.52
CA GLY D 33 19.68 19.48 -19.30
C GLY D 33 20.96 20.21 -19.60
N LYS D 34 21.81 19.60 -20.42
CA LYS D 34 23.08 20.21 -20.81
C LYS D 34 22.82 21.50 -21.58
N ALA D 35 21.75 21.49 -22.36
CA ALA D 35 21.36 22.66 -23.15
C ALA D 35 20.98 23.85 -22.28
N ARG D 36 20.25 23.60 -21.19
CA ARG D 36 19.88 24.66 -20.25
C ARG D 36 21.10 25.43 -19.82
N LEU D 37 22.20 24.72 -19.67
CA LEU D 37 23.43 25.30 -19.18
C LEU D 37 24.08 26.11 -20.30
N LYS D 38 24.23 25.48 -21.45
CA LYS D 38 24.94 26.10 -22.57
C LYS D 38 24.22 27.35 -23.07
N TYR D 39 22.91 27.24 -23.26
CA TYR D 39 22.12 28.36 -23.74
C TYR D 39 21.38 29.01 -22.57
N LYS D 40 22.13 29.37 -21.54
CA LYS D 40 21.61 29.96 -20.29
C LYS D 40 20.08 30.06 -20.07
N VAL D 41 19.35 28.97 -20.28
CA VAL D 41 17.92 28.93 -19.94
C VAL D 41 17.72 28.40 -18.50
N THR D 42 17.18 29.24 -17.62
CA THR D 42 17.01 28.87 -16.21
C THR D 42 15.64 28.21 -15.93
N PRO D 43 15.62 27.09 -15.18
CA PRO D 43 14.35 26.43 -14.84
C PRO D 43 13.40 27.32 -14.05
N PRO D 44 12.08 27.12 -14.19
CA PRO D 44 11.38 26.11 -14.99
C PRO D 44 11.08 26.54 -16.42
N ALA D 45 11.63 27.68 -16.83
CA ALA D 45 11.39 28.20 -18.16
C ALA D 45 11.85 27.22 -19.22
N VAL D 46 11.12 27.16 -20.34
CA VAL D 46 11.50 26.33 -21.47
C VAL D 46 11.56 27.18 -22.75
N THR D 47 11.64 28.49 -22.57
CA THR D 47 11.77 29.41 -23.71
C THR D 47 12.99 30.31 -23.54
N GLY D 48 13.34 31.00 -24.63
CA GLY D 48 14.52 31.85 -24.65
C GLY D 48 15.29 31.61 -25.93
N SER D 49 16.44 30.95 -25.82
CA SER D 49 17.25 30.63 -26.99
C SER D 49 16.50 29.76 -27.99
N PRO D 50 16.41 30.18 -29.25
CA PRO D 50 15.79 29.30 -30.24
C PRO D 50 16.47 27.94 -30.32
N GLU D 51 17.77 27.89 -30.04
CA GLU D 51 18.50 26.63 -30.04
C GLU D 51 17.99 25.68 -28.95
N PHE D 52 17.75 26.23 -27.77
CA PHE D 52 17.24 25.43 -26.67
C PHE D 52 15.84 24.89 -26.99
N GLU D 53 15.02 25.73 -27.59
CA GLU D 53 13.64 25.39 -27.90
C GLU D 53 13.56 24.24 -28.91
N ARG D 54 14.56 24.12 -29.79
CA ARG D 54 14.60 23.00 -30.74
C ARG D 54 15.00 21.70 -30.06
N VAL D 55 16.04 21.77 -29.23
CA VAL D 55 16.51 20.60 -28.49
C VAL D 55 15.40 20.10 -27.59
N PHE D 56 14.73 21.04 -26.93
CA PHE D 56 13.64 20.71 -26.04
C PHE D 56 12.47 20.06 -26.80
N ARG D 57 12.07 20.66 -27.91
CA ARG D 57 10.93 20.16 -28.65
C ARG D 57 11.24 18.79 -29.24
N ALA D 58 12.46 18.60 -29.72
CA ALA D 58 12.88 17.32 -30.29
C ALA D 58 12.80 16.22 -29.25
N GLN D 59 13.35 16.48 -28.07
CA GLN D 59 13.33 15.51 -26.99
C GLN D 59 11.91 15.21 -26.58
N GLN D 60 11.06 16.23 -26.66
CA GLN D 60 9.65 16.09 -26.31
C GLN D 60 8.96 15.22 -27.35
N ASN D 61 9.38 15.34 -28.61
CA ASN D 61 8.84 14.49 -29.66
C ASN D 61 9.27 13.04 -29.49
N CYS D 62 10.50 12.82 -29.05
CA CYS D 62 11.00 11.48 -28.82
C CYS D 62 10.25 10.83 -27.64
N VAL D 63 9.85 11.64 -26.66
CA VAL D 63 9.11 11.12 -25.52
C VAL D 63 7.73 10.62 -25.91
N GLU D 64 7.01 11.38 -26.73
CA GLU D 64 5.64 11.02 -27.06
C GLU D 64 5.54 9.81 -27.99
N PHE D 65 6.60 9.55 -28.75
CA PHE D 65 6.61 8.43 -29.67
C PHE D 65 7.27 7.17 -29.10
N TYR D 66 7.94 7.30 -27.95
CA TYR D 66 8.71 6.17 -27.40
C TYR D 66 7.84 4.99 -26.98
N PRO D 67 6.78 5.24 -26.18
CA PRO D 67 5.94 4.10 -25.79
C PRO D 67 5.26 3.44 -26.97
N ILE D 68 4.98 4.21 -28.03
CA ILE D 68 4.43 3.64 -29.25
C ILE D 68 5.43 2.65 -29.83
N PHE D 69 6.68 3.07 -29.88
CA PHE D 69 7.74 2.23 -30.42
C PHE D 69 7.91 0.94 -29.64
N ILE D 70 8.03 1.06 -28.33
CA ILE D 70 8.27 -0.10 -27.48
C ILE D 70 7.17 -1.13 -27.62
N ILE D 71 5.92 -0.70 -27.53
CA ILE D 71 4.79 -1.62 -27.64
C ILE D 71 4.78 -2.31 -29.00
N THR D 72 4.85 -1.53 -30.09
CA THR D 72 4.79 -2.12 -31.43
C THR D 72 6.01 -2.99 -31.67
N LEU D 73 7.12 -2.65 -31.04
CA LEU D 73 8.34 -3.45 -31.15
C LEU D 73 8.09 -4.86 -30.61
N TRP D 74 7.54 -4.94 -29.41
CA TRP D 74 7.34 -6.23 -28.76
C TRP D 74 6.19 -7.02 -29.40
N MET D 75 5.12 -6.33 -29.79
CA MET D 75 4.00 -6.99 -30.44
C MET D 75 4.41 -7.57 -31.79
N ALA D 76 5.17 -6.82 -32.57
CA ALA D 76 5.71 -7.34 -33.81
C ALA D 76 6.71 -8.46 -33.51
N GLY D 77 7.60 -8.20 -32.56
CA GLY D 77 8.64 -9.16 -32.25
C GLY D 77 8.09 -10.47 -31.72
N TRP D 78 6.99 -10.40 -30.96
CA TRP D 78 6.52 -11.57 -30.25
C TRP D 78 5.55 -12.38 -31.11
N TYR D 79 4.78 -11.68 -31.94
CA TYR D 79 3.68 -12.32 -32.67
C TYR D 79 3.98 -12.53 -34.16
N PHE D 80 5.00 -11.85 -34.68
CA PHE D 80 5.38 -11.99 -36.09
C PHE D 80 6.77 -12.62 -36.26
N ASN D 81 7.81 -11.87 -35.88
CA ASN D 81 9.17 -12.38 -36.01
C ASN D 81 10.15 -11.51 -35.23
N GLN D 82 10.93 -12.16 -34.36
CA GLN D 82 11.82 -11.45 -33.46
C GLN D 82 13.00 -10.77 -34.16
N VAL D 83 13.70 -11.52 -35.01
CA VAL D 83 14.86 -10.98 -35.70
C VAL D 83 14.46 -9.78 -36.57
N PHE D 84 13.38 -9.95 -37.31
CA PHE D 84 12.90 -8.91 -38.21
C PHE D 84 12.46 -7.69 -37.41
N ALA D 85 11.73 -7.93 -36.32
CA ALA D 85 11.32 -6.83 -35.45
C ALA D 85 12.54 -6.14 -34.86
N THR D 86 13.49 -6.93 -34.40
CA THR D 86 14.73 -6.42 -33.82
C THR D 86 15.48 -5.51 -34.79
N CYS D 87 15.64 -5.95 -36.04
CA CYS D 87 16.33 -5.13 -37.06
C CYS D 87 15.60 -3.82 -37.30
N LEU D 88 14.28 -3.87 -37.40
CA LEU D 88 13.48 -2.66 -37.54
C LEU D 88 13.72 -1.73 -36.37
N GLY D 89 13.82 -2.31 -35.18
CA GLY D 89 14.10 -1.55 -33.96
C GLY D 89 15.38 -0.75 -34.02
N LEU D 90 16.45 -1.35 -34.56
CA LEU D 90 17.70 -0.63 -34.74
C LEU D 90 17.55 0.53 -35.73
N VAL D 91 16.77 0.30 -36.78
CA VAL D 91 16.55 1.35 -37.77
C VAL D 91 15.83 2.52 -37.12
N TYR D 92 14.83 2.22 -36.30
CA TYR D 92 14.10 3.26 -35.58
C TYR D 92 15.03 4.07 -34.71
N ILE D 93 15.92 3.37 -34.01
CA ILE D 93 16.89 4.02 -33.15
C ILE D 93 17.81 4.95 -33.93
N TYR D 94 18.24 4.50 -35.11
CA TYR D 94 19.12 5.31 -35.94
C TYR D 94 18.33 6.51 -36.46
N GLY D 95 17.08 6.28 -36.83
CA GLY D 95 16.22 7.35 -37.29
C GLY D 95 16.09 8.44 -36.23
N ARG D 96 15.98 8.03 -34.98
CA ARG D 96 15.84 8.99 -33.88
C ARG D 96 17.14 9.74 -33.64
N HIS D 97 18.27 9.07 -33.85
CA HIS D 97 19.57 9.73 -33.81
C HIS D 97 19.59 10.87 -34.83
N LEU D 98 19.15 10.55 -36.04
CA LEU D 98 19.06 11.54 -37.11
C LEU D 98 18.09 12.66 -36.79
N TYR D 99 16.89 12.29 -36.35
CA TYR D 99 15.86 13.28 -36.02
C TYR D 99 16.35 14.29 -35.00
N PHE D 100 16.93 13.81 -33.91
CA PHE D 100 17.30 14.66 -32.78
C PHE D 100 18.36 15.68 -33.14
N TRP D 101 19.47 15.20 -33.68
CA TRP D 101 20.57 16.08 -34.05
C TRP D 101 20.17 16.97 -35.21
N GLY D 102 19.32 16.43 -36.09
CA GLY D 102 18.76 17.21 -37.17
C GLY D 102 17.98 18.41 -36.67
N TYR D 103 17.05 18.15 -35.75
CA TYR D 103 16.21 19.19 -35.18
C TYR D 103 17.07 20.27 -34.52
N SER D 104 18.12 19.84 -33.83
CA SER D 104 19.01 20.77 -33.10
C SER D 104 19.62 21.80 -34.06
N GLU D 105 19.95 21.35 -35.27
CA GLU D 105 20.48 22.23 -36.30
C GLU D 105 19.41 23.16 -36.84
N ALA D 106 18.31 22.58 -37.33
CA ALA D 106 17.21 23.36 -37.86
C ALA D 106 15.99 22.47 -37.94
N ALA D 107 14.80 23.06 -37.75
CA ALA D 107 13.57 22.29 -37.80
C ALA D 107 13.42 21.58 -39.15
N LYS D 108 14.00 22.14 -40.20
CA LYS D 108 13.87 21.54 -41.53
C LYS D 108 14.70 20.26 -41.66
N LYS D 109 15.78 20.17 -40.88
CA LYS D 109 16.69 19.03 -40.99
C LYS D 109 16.29 17.86 -40.08
N ARG D 110 15.08 17.90 -39.55
CA ARG D 110 14.57 16.82 -38.71
C ARG D 110 13.78 15.80 -39.54
N ILE D 111 13.43 16.20 -40.76
CA ILE D 111 12.45 15.47 -41.55
C ILE D 111 12.91 14.06 -41.93
N THR D 112 14.18 13.90 -42.27
CA THR D 112 14.67 12.60 -42.70
C THR D 112 14.55 11.61 -41.55
N GLY D 113 15.03 12.01 -40.38
CA GLY D 113 14.94 11.18 -39.20
C GLY D 113 13.49 10.90 -38.85
N PHE D 114 12.65 11.93 -38.93
CA PHE D 114 11.24 11.78 -38.60
C PHE D 114 10.54 10.78 -39.52
N ARG D 115 10.70 10.95 -40.83
N ARG D 115 10.74 10.96 -40.83
CA ARG D 115 10.10 10.03 -41.79
CA ARG D 115 10.13 10.07 -41.82
C ARG D 115 10.61 8.61 -41.60
C ARG D 115 10.62 8.63 -41.66
N LEU D 116 11.90 8.47 -41.34
CA LEU D 116 12.48 7.15 -41.14
C LEU D 116 11.89 6.50 -39.89
N SER D 117 11.76 7.29 -38.82
CA SER D 117 11.23 6.79 -37.55
C SER D 117 9.78 6.35 -37.64
N LEU D 118 8.94 7.18 -38.27
CA LEU D 118 7.51 6.88 -38.37
C LEU D 118 7.20 5.78 -39.37
N GLY D 119 8.03 5.66 -40.40
CA GLY D 119 7.88 4.59 -41.35
C GLY D 119 8.05 3.24 -40.67
N ILE D 120 9.05 3.15 -39.80
CA ILE D 120 9.28 1.92 -39.05
C ILE D 120 8.13 1.65 -38.08
N LEU D 121 7.62 2.70 -37.44
CA LEU D 121 6.51 2.54 -36.50
C LEU D 121 5.29 2.01 -37.23
N ALA D 122 5.07 2.49 -38.45
CA ALA D 122 3.94 2.05 -39.24
C ALA D 122 4.09 0.58 -39.56
N LEU D 123 5.31 0.19 -39.92
CA LEU D 123 5.57 -1.19 -40.29
C LEU D 123 5.48 -2.13 -39.08
N LEU D 124 6.08 -1.73 -37.96
CA LEU D 124 5.97 -2.49 -36.71
C LEU D 124 4.51 -2.67 -36.28
N THR D 125 3.72 -1.61 -36.37
CA THR D 125 2.30 -1.67 -36.05
C THR D 125 1.63 -2.74 -36.91
N LEU D 126 1.89 -2.71 -38.21
CA LEU D 126 1.34 -3.67 -39.15
C LEU D 126 1.69 -5.12 -38.81
N LEU D 127 2.99 -5.40 -38.67
CA LEU D 127 3.45 -6.75 -38.36
C LEU D 127 2.84 -7.27 -37.06
N GLY D 128 2.78 -6.43 -36.04
CA GLY D 128 2.18 -6.82 -34.78
C GLY D 128 0.70 -7.12 -34.93
N ALA D 129 -0.02 -6.25 -35.63
CA ALA D 129 -1.43 -6.46 -35.90
C ALA D 129 -1.64 -7.76 -36.65
N LEU D 130 -0.85 -7.96 -37.70
CA LEU D 130 -0.92 -9.17 -38.51
C LEU D 130 -0.61 -10.43 -37.70
N GLY D 131 0.47 -10.39 -36.94
CA GLY D 131 0.89 -11.52 -36.14
C GLY D 131 -0.17 -11.92 -35.13
N ILE D 132 -0.88 -10.92 -34.62
CA ILE D 132 -1.95 -11.14 -33.65
C ILE D 132 -3.14 -11.75 -34.35
N ALA D 133 -3.44 -11.25 -35.55
CA ALA D 133 -4.50 -11.82 -36.37
C ALA D 133 -4.24 -13.31 -36.56
N ASN D 134 -3.00 -13.66 -36.87
CA ASN D 134 -2.59 -15.05 -37.02
C ASN D 134 -2.86 -15.90 -35.77
N SER D 135 -2.52 -15.35 -34.61
CA SER D 135 -2.67 -16.09 -33.36
C SER D 135 -4.12 -16.11 -32.89
N PHE D 136 -4.83 -15.02 -33.13
CA PHE D 136 -6.24 -14.92 -32.77
C PHE D 136 -7.00 -15.97 -33.57
N LEU D 137 -6.63 -16.11 -34.85
CA LEU D 137 -7.24 -17.08 -35.74
C LEU D 137 -6.84 -18.50 -35.34
N ASN E 10 -1.36 -16.39 -23.10
CA ASN E 10 -2.20 -15.94 -24.21
C ASN E 10 -1.97 -14.47 -24.52
N SER E 11 -2.59 -13.60 -23.72
CA SER E 11 -2.45 -12.16 -23.86
C SER E 11 -2.76 -11.62 -25.25
N ILE E 12 -3.52 -12.37 -26.05
CA ILE E 12 -3.82 -11.94 -27.41
C ILE E 12 -4.80 -10.77 -27.43
N LEU E 13 -5.78 -10.79 -26.52
CA LEU E 13 -6.74 -9.70 -26.45
C LEU E 13 -6.03 -8.45 -25.92
N LEU E 14 -5.19 -8.64 -24.92
CA LEU E 14 -4.39 -7.54 -24.40
C LEU E 14 -3.46 -7.01 -25.49
N ALA E 15 -2.85 -7.92 -26.23
CA ALA E 15 -1.97 -7.54 -27.32
C ALA E 15 -2.74 -6.72 -28.34
N ALA E 16 -3.95 -7.19 -28.68
CA ALA E 16 -4.79 -6.51 -29.65
C ALA E 16 -5.16 -5.10 -29.19
N VAL E 17 -5.57 -4.97 -27.93
CA VAL E 17 -5.94 -3.67 -27.38
C VAL E 17 -4.74 -2.75 -27.38
N SER E 18 -3.59 -3.30 -27.03
CA SER E 18 -2.36 -2.53 -26.96
C SER E 18 -2.01 -1.96 -28.33
N ILE E 19 -2.24 -2.75 -29.38
CA ILE E 19 -1.94 -2.29 -30.73
C ILE E 19 -2.97 -1.28 -31.19
N LEU E 20 -4.25 -1.52 -30.88
CA LEU E 20 -5.28 -0.54 -31.20
C LEU E 20 -5.01 0.77 -30.49
N SER E 21 -4.59 0.68 -29.23
CA SER E 21 -4.29 1.87 -28.45
C SER E 21 -3.13 2.64 -29.08
N ALA E 22 -2.12 1.90 -29.53
CA ALA E 22 -0.94 2.51 -30.14
C ALA E 22 -1.30 3.27 -31.42
N CYS E 23 -2.24 2.76 -32.19
CA CYS E 23 -2.69 3.44 -33.39
C CYS E 23 -3.32 4.79 -33.10
N GLN E 24 -4.16 4.84 -32.06
CA GLN E 24 -4.80 6.10 -31.71
C GLN E 24 -3.73 7.09 -31.25
N GLN E 25 -2.72 6.61 -30.54
CA GLN E 25 -1.61 7.47 -30.12
C GLN E 25 -0.90 8.07 -31.33
N SER E 26 -0.62 7.22 -32.32
CA SER E 26 -0.01 7.68 -33.55
C SER E 26 -0.93 8.66 -34.24
N TYR E 27 -2.21 8.33 -34.24
CA TYR E 27 -3.24 9.16 -34.84
C TYR E 27 -3.22 10.57 -34.24
N PHE E 28 -3.27 10.63 -32.90
CA PHE E 28 -3.23 11.90 -32.18
C PHE E 28 -1.99 12.73 -32.55
N ALA E 29 -0.84 12.08 -32.60
CA ALA E 29 0.41 12.73 -32.98
C ALA E 29 0.29 13.31 -34.40
N LEU E 30 -0.37 12.56 -35.27
CA LEU E 30 -0.50 13.00 -36.66
C LEU E 30 -1.48 14.17 -36.78
N GLN E 31 -2.43 14.25 -35.87
CA GLN E 31 -3.38 15.37 -35.90
C GLN E 31 -2.65 16.66 -35.51
N VAL E 32 -1.68 16.53 -34.60
CA VAL E 32 -0.89 17.68 -34.16
C VAL E 32 -0.05 18.17 -35.34
N GLY E 33 0.35 17.25 -36.20
CA GLY E 33 1.09 17.60 -37.40
C GLY E 33 0.19 18.37 -38.35
N LYS E 34 -1.02 17.87 -38.54
CA LYS E 34 -1.97 18.53 -39.44
C LYS E 34 -2.36 19.90 -38.90
N ALA E 35 -2.52 20.00 -37.59
CA ALA E 35 -2.89 21.25 -36.95
C ALA E 35 -1.76 22.26 -37.12
N ARG E 36 -0.54 21.77 -36.98
CA ARG E 36 0.65 22.60 -37.13
C ARG E 36 0.69 23.36 -38.45
N LEU E 37 0.30 22.70 -39.54
CA LEU E 37 0.33 23.35 -40.84
C LEU E 37 -0.90 24.22 -41.05
N LYS E 38 -2.06 23.69 -40.70
CA LYS E 38 -3.33 24.37 -40.89
C LYS E 38 -3.37 25.71 -40.17
N TYR E 39 -2.89 25.71 -38.93
CA TYR E 39 -2.83 26.92 -38.13
C TYR E 39 -1.42 27.49 -38.03
N LYS E 40 -0.84 27.77 -39.19
CA LYS E 40 0.54 28.26 -39.35
C LYS E 40 1.44 28.41 -38.11
N VAL E 41 1.51 27.38 -37.27
CA VAL E 41 2.49 27.34 -36.18
C VAL E 41 3.78 26.72 -36.72
N THR E 42 4.86 27.49 -36.74
CA THR E 42 6.13 27.00 -37.27
C THR E 42 6.95 26.38 -36.14
N PRO E 43 7.54 25.20 -36.38
CA PRO E 43 8.37 24.55 -35.35
C PRO E 43 9.53 25.43 -34.91
N PRO E 44 9.99 25.29 -33.65
CA PRO E 44 9.52 24.36 -32.63
C PRO E 44 8.39 24.92 -31.77
N ALA E 45 7.86 26.08 -32.16
CA ALA E 45 6.82 26.74 -31.38
C ALA E 45 5.59 25.86 -31.20
N VAL E 46 5.00 25.95 -30.01
CA VAL E 46 3.74 25.27 -29.73
C VAL E 46 2.72 26.26 -29.20
N THR E 47 3.01 27.54 -29.44
CA THR E 47 2.09 28.62 -29.16
C THR E 47 1.96 29.31 -30.49
N GLY E 48 0.94 30.14 -30.62
CA GLY E 48 0.62 30.81 -31.85
C GLY E 48 -0.86 30.56 -31.95
N SER E 49 -1.33 29.77 -32.90
CA SER E 49 -2.78 29.58 -32.99
C SER E 49 -3.39 29.03 -31.69
N PRO E 50 -4.39 29.74 -31.11
CA PRO E 50 -5.04 29.17 -29.92
C PRO E 50 -5.64 27.80 -30.20
N GLU E 51 -6.03 27.59 -31.45
CA GLU E 51 -6.60 26.34 -31.91
C GLU E 51 -5.57 25.21 -31.85
N PHE E 52 -4.33 25.52 -32.21
CA PHE E 52 -3.26 24.54 -32.14
C PHE E 52 -2.96 24.14 -30.71
N GLU E 53 -2.99 25.13 -29.82
CA GLU E 53 -2.63 24.90 -28.41
C GLU E 53 -3.56 23.89 -27.74
N ARG E 54 -4.81 23.86 -28.17
CA ARG E 54 -5.77 22.90 -27.63
C ARG E 54 -5.46 21.49 -28.12
N VAL E 55 -5.18 21.37 -29.41
CA VAL E 55 -4.83 20.08 -30.02
C VAL E 55 -3.54 19.53 -29.44
N PHE E 56 -2.54 20.41 -29.35
CA PHE E 56 -1.22 20.05 -28.81
C PHE E 56 -1.29 19.60 -27.37
N ARG E 57 -2.00 20.38 -26.55
CA ARG E 57 -2.13 20.06 -25.14
C ARG E 57 -2.89 18.77 -24.93
N ALA E 58 -3.97 18.60 -25.68
CA ALA E 58 -4.82 17.41 -25.57
C ALA E 58 -3.99 16.17 -25.82
N GLN E 59 -3.21 16.23 -26.89
CA GLN E 59 -2.35 15.12 -27.25
C GLN E 59 -1.32 14.87 -26.15
N GLN E 60 -0.87 15.93 -25.50
N GLN E 60 -0.92 15.94 -25.46
CA GLN E 60 0.14 15.82 -24.45
CA GLN E 60 0.08 15.85 -24.40
C GLN E 60 -0.43 15.11 -23.20
C GLN E 60 -0.46 15.10 -23.17
N ASN E 61 -1.71 15.35 -22.92
N ASN E 61 -1.73 15.31 -22.84
CA ASN E 61 -2.40 14.69 -21.82
CA ASN E 61 -2.32 14.57 -21.72
C ASN E 61 -2.54 13.18 -22.08
C ASN E 61 -2.45 13.11 -22.07
N CYS E 62 -2.74 12.84 -23.34
CA CYS E 62 -2.85 11.45 -23.78
C CYS E 62 -1.51 10.75 -23.62
N VAL E 63 -0.43 11.50 -23.86
CA VAL E 63 0.89 10.92 -23.77
C VAL E 63 1.23 10.55 -22.33
N GLU E 64 0.92 11.41 -21.38
CA GLU E 64 1.31 11.18 -19.99
C GLU E 64 0.49 10.05 -19.32
N PHE E 65 -0.71 9.78 -19.81
CA PHE E 65 -1.54 8.73 -19.23
C PHE E 65 -1.42 7.39 -19.95
N TYR E 66 -0.72 7.38 -21.08
CA TYR E 66 -0.66 6.16 -21.89
C TYR E 66 0.11 5.03 -21.18
N PRO E 67 1.31 5.32 -20.66
CA PRO E 67 2.05 4.23 -20.02
C PRO E 67 1.31 3.70 -18.80
N ILE E 68 0.61 4.60 -18.12
CA ILE E 68 -0.21 4.22 -16.98
C ILE E 68 -1.27 3.24 -17.42
N PHE E 69 -1.93 3.56 -18.53
CA PHE E 69 -3.00 2.72 -19.04
C PHE E 69 -2.47 1.34 -19.40
N ILE E 70 -1.38 1.30 -20.15
CA ILE E 70 -0.81 0.03 -20.58
C ILE E 70 -0.43 -0.85 -19.39
N ILE E 71 0.27 -0.27 -18.42
CA ILE E 71 0.68 -1.01 -17.24
C ILE E 71 -0.56 -1.55 -16.50
N THR E 72 -1.51 -0.67 -16.21
CA THR E 72 -2.71 -1.10 -15.50
C THR E 72 -3.57 -2.05 -16.33
N LEU E 73 -3.54 -1.90 -17.65
CA LEU E 73 -4.28 -2.81 -18.51
C LEU E 73 -3.74 -4.23 -18.40
N TRP E 74 -2.43 -4.35 -18.51
CA TRP E 74 -1.82 -5.68 -18.52
C TRP E 74 -1.85 -6.33 -17.13
N MET E 75 -1.61 -5.54 -16.08
CA MET E 75 -1.67 -6.07 -14.72
C MET E 75 -3.08 -6.58 -14.43
N ALA E 76 -4.08 -5.80 -14.83
CA ALA E 76 -5.47 -6.24 -14.71
C ALA E 76 -5.69 -7.49 -15.57
N GLY E 77 -5.22 -7.45 -16.81
CA GLY E 77 -5.41 -8.57 -17.72
C GLY E 77 -4.68 -9.84 -17.31
N TRP E 78 -3.50 -9.70 -16.73
CA TRP E 78 -2.65 -10.84 -16.42
C TRP E 78 -2.98 -11.45 -15.06
N TYR E 79 -3.41 -10.63 -14.11
CA TYR E 79 -3.62 -11.11 -12.73
C TYR E 79 -5.08 -11.28 -12.32
N PHE E 80 -6.00 -10.67 -13.06
CA PHE E 80 -7.43 -10.76 -12.72
C PHE E 80 -8.27 -11.48 -13.78
N ASN E 81 -8.43 -10.85 -14.94
CA ASN E 81 -9.25 -11.43 -16.01
C ASN E 81 -9.02 -10.74 -17.34
N GLN E 82 -8.70 -11.51 -18.37
CA GLN E 82 -8.31 -10.96 -19.66
C GLN E 82 -9.46 -10.26 -20.37
N VAL E 83 -10.60 -10.93 -20.46
CA VAL E 83 -11.76 -10.36 -21.16
C VAL E 83 -12.23 -9.06 -20.53
N PHE E 84 -12.37 -9.04 -19.22
CA PHE E 84 -12.87 -7.85 -18.54
C PHE E 84 -11.89 -6.70 -18.67
N ALA E 85 -10.59 -7.00 -18.56
CA ALA E 85 -9.56 -5.99 -18.75
C ALA E 85 -9.58 -5.42 -20.16
N THR E 86 -9.70 -6.31 -21.14
CA THR E 86 -9.77 -5.91 -22.54
C THR E 86 -10.95 -4.97 -22.79
N CYS E 87 -12.12 -5.33 -22.27
CA CYS E 87 -13.31 -4.50 -22.45
C CYS E 87 -13.15 -3.12 -21.84
N LEU E 88 -12.61 -3.05 -20.63
CA LEU E 88 -12.34 -1.77 -20.01
C LEU E 88 -11.37 -0.97 -20.88
N GLY E 89 -10.36 -1.66 -21.42
CA GLY E 89 -9.38 -1.03 -22.27
C GLY E 89 -9.99 -0.33 -23.47
N LEU E 90 -10.97 -0.99 -24.07
CA LEU E 90 -11.67 -0.45 -25.22
C LEU E 90 -12.46 0.82 -24.90
N VAL E 91 -13.08 0.84 -23.73
CA VAL E 91 -13.81 2.02 -23.29
C VAL E 91 -12.83 3.18 -23.09
N TYR E 92 -11.66 2.87 -22.54
CA TYR E 92 -10.62 3.87 -22.33
C TYR E 92 -10.24 4.47 -23.68
N ILE E 93 -10.09 3.59 -24.66
CA ILE E 93 -9.73 3.98 -26.01
C ILE E 93 -10.82 4.93 -26.53
N TYR E 94 -12.07 4.60 -26.23
CA TYR E 94 -13.18 5.45 -26.63
C TYR E 94 -13.24 6.74 -25.84
N GLY E 95 -12.97 6.65 -24.53
CA GLY E 95 -12.97 7.83 -23.68
C GLY E 95 -11.99 8.88 -24.17
N ARG E 96 -10.82 8.42 -24.59
CA ARG E 96 -9.78 9.30 -25.09
C ARG E 96 -10.13 9.88 -26.45
N HIS E 97 -10.86 9.12 -27.26
CA HIS E 97 -11.39 9.64 -28.52
C HIS E 97 -12.27 10.85 -28.24
N LEU E 98 -13.17 10.70 -27.27
CA LEU E 98 -14.05 11.78 -26.83
C LEU E 98 -13.24 12.94 -26.32
N TYR E 99 -12.27 12.63 -25.45
CA TYR E 99 -11.42 13.65 -24.87
C TYR E 99 -10.70 14.49 -25.92
N PHE E 100 -10.07 13.83 -26.88
CA PHE E 100 -9.22 14.49 -27.86
C PHE E 100 -9.99 15.46 -28.75
N TRP E 101 -11.04 14.97 -29.41
CA TRP E 101 -11.80 15.82 -30.31
C TRP E 101 -12.57 16.89 -29.55
N GLY E 102 -12.98 16.55 -28.32
CA GLY E 102 -13.61 17.53 -27.45
C GLY E 102 -12.72 18.72 -27.20
N TYR E 103 -11.50 18.46 -26.74
CA TYR E 103 -10.54 19.51 -26.43
C TYR E 103 -10.26 20.35 -27.66
N SER E 104 -10.13 19.70 -28.81
CA SER E 104 -9.77 20.39 -30.05
C SER E 104 -10.73 21.53 -30.36
N GLU E 105 -12.02 21.28 -30.12
CA GLU E 105 -13.04 22.30 -30.30
C GLU E 105 -13.01 23.33 -29.15
N ALA E 106 -13.10 22.85 -27.92
CA ALA E 106 -13.07 23.74 -26.76
C ALA E 106 -12.70 22.97 -25.48
N ALA E 107 -12.02 23.66 -24.57
CA ALA E 107 -11.57 23.05 -23.32
C ALA E 107 -12.73 22.50 -22.51
N LYS E 108 -13.91 23.09 -22.66
CA LYS E 108 -15.07 22.67 -21.89
C LYS E 108 -15.56 21.30 -22.34
N LYS E 109 -15.32 20.97 -23.61
CA LYS E 109 -15.85 19.74 -24.20
C LYS E 109 -14.95 18.52 -24.01
N ARG E 110 -13.92 18.63 -23.16
CA ARG E 110 -13.02 17.51 -22.91
C ARG E 110 -13.38 16.70 -21.66
N ILE E 111 -14.16 17.27 -20.75
CA ILE E 111 -14.28 16.72 -19.41
C ILE E 111 -14.95 15.34 -19.34
N THR E 112 -16.01 15.14 -20.11
CA THR E 112 -16.72 13.87 -20.05
C THR E 112 -15.77 12.77 -20.52
N GLY E 113 -15.07 13.02 -21.62
CA GLY E 113 -14.11 12.08 -22.15
C GLY E 113 -12.99 11.83 -21.16
N PHE E 114 -12.46 12.90 -20.57
CA PHE E 114 -11.40 12.78 -19.58
C PHE E 114 -11.88 12.01 -18.36
N ARG E 115 -13.02 12.41 -17.83
CA ARG E 115 -13.58 11.77 -16.65
C ARG E 115 -13.79 10.29 -16.90
N LEU E 116 -14.27 9.96 -18.10
CA LEU E 116 -14.51 8.56 -18.46
C LEU E 116 -13.23 7.74 -18.47
N SER E 117 -12.20 8.28 -19.12
CA SER E 117 -10.92 7.59 -19.26
C SER E 117 -10.27 7.38 -17.89
N LEU E 118 -10.41 8.39 -17.02
CA LEU E 118 -9.80 8.32 -15.71
C LEU E 118 -10.53 7.34 -14.80
N GLY E 119 -11.84 7.25 -14.98
CA GLY E 119 -12.65 6.28 -14.26
C GLY E 119 -12.23 4.86 -14.61
N ILE E 120 -12.02 4.61 -15.90
CA ILE E 120 -11.57 3.30 -16.35
C ILE E 120 -10.17 2.98 -15.82
N LEU E 121 -9.32 3.99 -15.81
CA LEU E 121 -7.96 3.84 -15.32
C LEU E 121 -8.00 3.48 -13.84
N ALA E 122 -8.92 4.10 -13.10
CA ALA E 122 -9.09 3.83 -11.68
C ALA E 122 -9.55 2.39 -11.46
N LEU E 123 -10.48 1.94 -12.28
CA LEU E 123 -11.01 0.59 -12.13
C LEU E 123 -9.96 -0.45 -12.53
N LEU E 124 -9.23 -0.19 -13.61
CA LEU E 124 -8.15 -1.08 -14.02
C LEU E 124 -7.13 -1.29 -12.91
N THR E 125 -6.72 -0.19 -12.29
CA THR E 125 -5.76 -0.21 -11.18
C THR E 125 -6.24 -1.08 -10.04
N LEU E 126 -7.52 -0.93 -9.69
CA LEU E 126 -8.12 -1.71 -8.62
C LEU E 126 -8.00 -3.20 -8.91
N LEU E 127 -8.47 -3.61 -10.07
CA LEU E 127 -8.43 -5.02 -10.47
C LEU E 127 -7.01 -5.58 -10.49
N GLY E 128 -6.08 -4.80 -11.02
CA GLY E 128 -4.69 -5.19 -11.07
C GLY E 128 -4.17 -5.37 -9.65
N ALA E 129 -4.50 -4.43 -8.78
CA ALA E 129 -4.12 -4.53 -7.38
C ALA E 129 -4.75 -5.79 -6.75
N LEU E 130 -6.03 -6.01 -7.00
CA LEU E 130 -6.72 -7.18 -6.45
C LEU E 130 -6.11 -8.50 -6.90
N GLY E 131 -5.90 -8.64 -8.20
CA GLY E 131 -5.35 -9.86 -8.76
C GLY E 131 -3.97 -10.20 -8.23
N ILE E 132 -3.16 -9.16 -8.04
CA ILE E 132 -1.80 -9.33 -7.56
C ILE E 132 -1.78 -9.75 -6.10
N ALA E 133 -2.61 -9.09 -5.30
CA ALA E 133 -2.80 -9.46 -3.91
C ALA E 133 -3.24 -10.92 -3.83
N ASN E 134 -4.20 -11.28 -4.67
CA ASN E 134 -4.70 -12.64 -4.73
C ASN E 134 -3.59 -13.67 -5.00
N SER E 135 -2.66 -13.31 -5.88
CA SER E 135 -1.56 -14.19 -6.25
C SER E 135 -0.49 -14.20 -5.16
N PHE E 136 -0.34 -13.06 -4.49
CA PHE E 136 0.59 -12.96 -3.36
C PHE E 136 0.14 -13.95 -2.28
N LEU E 137 -1.17 -14.05 -2.09
CA LEU E 137 -1.72 -14.97 -1.09
C LEU E 137 -1.46 -16.40 -1.49
N ASP E 138 -1.48 -16.66 -2.80
CA ASP E 138 -1.17 -17.99 -3.29
C ASP E 138 0.33 -18.24 -3.24
N GLU E 139 1.08 -17.18 -2.95
CA GLU E 139 2.54 -17.26 -2.80
C GLU E 139 3.21 -17.66 -4.11
N ASN F 10 6.07 -15.63 -9.59
CA ASN F 10 7.13 -15.07 -10.42
C ASN F 10 6.77 -13.67 -10.94
N SER F 11 7.72 -12.75 -10.79
CA SER F 11 7.56 -11.36 -11.24
C SER F 11 6.35 -10.65 -10.64
N ILE F 12 5.86 -11.16 -9.51
CA ILE F 12 4.72 -10.56 -8.83
C ILE F 12 5.19 -9.25 -8.21
N LEU F 13 6.44 -9.23 -7.77
CA LEU F 13 7.03 -8.04 -7.20
C LEU F 13 7.16 -6.92 -8.22
N LEU F 14 7.60 -7.24 -9.43
CA LEU F 14 7.73 -6.24 -10.47
C LEU F 14 6.37 -5.65 -10.77
N ALA F 15 5.37 -6.51 -10.85
CA ALA F 15 4.01 -6.08 -11.10
C ALA F 15 3.52 -5.14 -10.00
N ALA F 16 3.76 -5.52 -8.75
CA ALA F 16 3.32 -4.71 -7.63
C ALA F 16 4.01 -3.34 -7.68
N VAL F 17 5.32 -3.34 -7.90
CA VAL F 17 6.08 -2.09 -7.98
C VAL F 17 5.60 -1.23 -9.16
N SER F 18 5.36 -1.87 -10.30
CA SER F 18 4.89 -1.16 -11.48
C SER F 18 3.55 -0.47 -11.21
N ILE F 19 2.68 -1.13 -10.44
CA ILE F 19 1.37 -0.57 -10.14
C ILE F 19 1.51 0.60 -9.16
N LEU F 20 2.39 0.45 -8.20
CA LEU F 20 2.67 1.53 -7.26
C LEU F 20 3.22 2.77 -7.97
N SER F 21 4.12 2.55 -8.92
CA SER F 21 4.69 3.65 -9.71
C SER F 21 3.63 4.32 -10.58
N ALA F 22 2.75 3.52 -11.18
CA ALA F 22 1.70 4.05 -12.05
C ALA F 22 0.75 4.96 -11.29
N CYS F 23 0.47 4.59 -10.04
CA CYS F 23 -0.39 5.38 -9.18
C CYS F 23 0.24 6.75 -8.89
N GLN F 24 1.54 6.76 -8.64
CA GLN F 24 2.23 8.02 -8.38
C GLN F 24 2.22 8.93 -9.60
N GLN F 25 2.35 8.33 -10.79
CA GLN F 25 2.27 9.10 -12.03
C GLN F 25 0.90 9.76 -12.15
N SER F 26 -0.16 9.02 -11.85
CA SER F 26 -1.50 9.59 -11.85
C SER F 26 -1.57 10.74 -10.87
N TYR F 27 -1.03 10.54 -9.68
CA TYR F 27 -1.02 11.60 -8.68
C TYR F 27 -0.33 12.85 -9.23
N PHE F 28 0.87 12.70 -9.79
CA PHE F 28 1.59 13.83 -10.36
C PHE F 28 0.77 14.55 -11.42
N ALA F 29 0.16 13.78 -12.31
CA ALA F 29 -0.65 14.35 -13.38
C ALA F 29 -1.81 15.16 -12.82
N LEU F 30 -2.45 14.64 -11.79
CA LEU F 30 -3.60 15.29 -11.20
C LEU F 30 -3.21 16.51 -10.38
N GLN F 31 -1.95 16.57 -9.93
CA GLN F 31 -1.48 17.74 -9.22
C GLN F 31 -1.43 18.96 -10.14
N VAL F 32 -1.16 18.73 -11.42
CA VAL F 32 -1.13 19.82 -12.40
C VAL F 32 -2.51 20.43 -12.53
N GLY F 33 -3.54 19.60 -12.37
CA GLY F 33 -4.91 20.07 -12.39
C GLY F 33 -5.19 20.99 -11.20
N LYS F 34 -4.75 20.58 -10.02
CA LYS F 34 -4.94 21.40 -8.83
C LYS F 34 -4.16 22.71 -8.95
N ALA F 35 -2.99 22.66 -9.56
CA ALA F 35 -2.17 23.86 -9.75
C ALA F 35 -2.90 24.87 -10.65
N ARG F 36 -3.54 24.38 -11.70
CA ARG F 36 -4.34 25.22 -12.60
C ARG F 36 -5.36 26.04 -11.81
N LEU F 37 -5.94 25.41 -10.79
CA LEU F 37 -6.96 26.03 -9.93
C LEU F 37 -6.40 26.95 -8.84
N LYS F 38 -5.42 26.47 -8.08
CA LYS F 38 -4.87 27.28 -6.99
C LYS F 38 -4.32 28.57 -7.57
N TYR F 39 -3.62 28.41 -8.69
CA TYR F 39 -3.07 29.53 -9.41
C TYR F 39 -4.14 29.73 -10.46
N LYS F 40 -4.04 30.75 -11.30
CA LYS F 40 -5.13 31.02 -12.25
C LYS F 40 -4.73 30.84 -13.71
N VAL F 41 -4.14 29.68 -13.99
CA VAL F 41 -3.79 29.29 -15.35
C VAL F 41 -4.97 28.58 -16.04
N THR F 42 -5.43 29.19 -17.13
CA THR F 42 -6.56 28.66 -17.89
C THR F 42 -6.09 27.67 -18.95
N PRO F 43 -6.74 26.50 -19.06
CA PRO F 43 -6.35 25.57 -20.13
C PRO F 43 -6.57 26.18 -21.51
N PRO F 44 -5.73 25.85 -22.50
CA PRO F 44 -4.62 24.87 -22.48
C PRO F 44 -3.26 25.42 -22.04
N ALA F 45 -3.22 26.64 -21.50
CA ALA F 45 -1.96 27.24 -21.08
C ALA F 45 -1.22 26.39 -20.05
N VAL F 46 0.10 26.36 -20.15
CA VAL F 46 0.96 25.68 -19.20
C VAL F 46 2.02 26.64 -18.66
N THR F 47 1.76 27.94 -18.82
CA THR F 47 2.65 28.98 -18.30
C THR F 47 1.88 29.97 -17.42
N GLY F 48 2.63 30.86 -16.75
CA GLY F 48 2.06 31.87 -15.89
C GLY F 48 2.77 32.03 -14.55
N SER F 49 2.10 31.62 -13.49
CA SER F 49 2.67 31.70 -12.15
C SER F 49 3.94 30.86 -12.08
N PRO F 50 5.05 31.44 -11.59
CA PRO F 50 6.27 30.63 -11.42
C PRO F 50 6.00 29.40 -10.58
N GLU F 51 5.03 29.50 -9.67
CA GLU F 51 4.65 28.39 -8.82
C GLU F 51 4.03 27.27 -9.65
N PHE F 52 3.17 27.61 -10.61
CA PHE F 52 2.57 26.58 -11.46
C PHE F 52 3.60 25.93 -12.39
N GLU F 53 4.47 26.73 -12.97
CA GLU F 53 5.43 26.22 -13.95
C GLU F 53 6.45 25.25 -13.35
N ARG F 54 6.79 25.40 -12.07
CA ARG F 54 7.72 24.48 -11.44
C ARG F 54 7.04 23.12 -11.28
N VAL F 55 5.79 23.14 -10.84
CA VAL F 55 5.01 21.92 -10.71
C VAL F 55 4.80 21.24 -12.07
N PHE F 56 4.46 22.04 -13.07
CA PHE F 56 4.25 21.50 -14.40
C PHE F 56 5.51 20.87 -14.96
N ARG F 57 6.64 21.57 -14.82
CA ARG F 57 7.90 21.04 -15.35
C ARG F 57 8.30 19.79 -14.60
N ALA F 58 8.09 19.79 -13.28
CA ALA F 58 8.41 18.64 -12.44
C ALA F 58 7.62 17.44 -12.91
N GLN F 59 6.33 17.62 -13.10
CA GLN F 59 5.48 16.52 -13.55
C GLN F 59 5.88 16.08 -14.96
N GLN F 60 6.28 17.05 -15.79
CA GLN F 60 6.72 16.73 -17.14
C GLN F 60 8.08 16.04 -17.15
N ASN F 61 8.96 16.40 -16.23
CA ASN F 61 10.22 15.70 -16.11
C ASN F 61 9.98 14.24 -15.65
N CYS F 62 8.97 14.03 -14.82
CA CYS F 62 8.63 12.67 -14.37
C CYS F 62 8.08 11.82 -15.51
N VAL F 63 7.35 12.44 -16.42
CA VAL F 63 6.73 11.73 -17.54
C VAL F 63 7.74 11.16 -18.53
N GLU F 64 8.77 11.95 -18.83
CA GLU F 64 9.74 11.56 -19.84
C GLU F 64 10.66 10.41 -19.37
N PHE F 65 10.85 10.29 -18.07
CA PHE F 65 11.72 9.25 -17.51
C PHE F 65 10.95 8.00 -17.09
N TYR F 66 9.62 8.06 -17.12
CA TYR F 66 8.83 6.95 -16.62
C TYR F 66 9.01 5.68 -17.48
N PRO F 67 8.88 5.79 -18.82
CA PRO F 67 9.05 4.57 -19.61
C PRO F 67 10.46 4.01 -19.51
N ILE F 68 11.44 4.89 -19.33
CA ILE F 68 12.82 4.46 -19.11
C ILE F 68 12.90 3.62 -17.84
N PHE F 69 12.25 4.10 -16.78
CA PHE F 69 12.23 3.39 -15.50
C PHE F 69 11.59 2.02 -15.63
N ILE F 70 10.40 1.98 -16.22
CA ILE F 70 9.65 0.74 -16.36
C ILE F 70 10.42 -0.32 -17.15
N ILE F 71 10.97 0.07 -18.31
CA ILE F 71 11.72 -0.89 -19.12
C ILE F 71 12.93 -1.44 -18.37
N THR F 72 13.75 -0.55 -17.84
CA THR F 72 14.96 -0.99 -17.14
C THR F 72 14.60 -1.77 -15.87
N LEU F 73 13.45 -1.46 -15.28
CA LEU F 73 12.97 -2.19 -14.11
C LEU F 73 12.72 -3.65 -14.47
N TRP F 74 11.97 -3.87 -15.55
CA TRP F 74 11.60 -5.23 -15.93
C TRP F 74 12.79 -6.01 -16.52
N MET F 75 13.62 -5.34 -17.30
CA MET F 75 14.81 -5.98 -17.86
C MET F 75 15.75 -6.39 -16.72
N ALA F 76 15.91 -5.52 -15.73
CA ALA F 76 16.71 -5.85 -14.56
C ALA F 76 16.08 -7.00 -13.78
N GLY F 77 14.78 -6.92 -13.58
CA GLY F 77 14.07 -7.94 -12.83
C GLY F 77 14.08 -9.31 -13.45
N TRP F 78 14.04 -9.38 -14.77
CA TRP F 78 13.86 -10.65 -15.47
C TRP F 78 15.19 -11.32 -15.81
N TYR F 79 16.21 -10.52 -16.06
CA TYR F 79 17.48 -11.05 -16.56
C TYR F 79 18.59 -11.04 -15.52
N PHE F 80 18.41 -10.28 -14.44
CA PHE F 80 19.40 -10.26 -13.37
C PHE F 80 18.81 -10.80 -12.08
N ASN F 81 17.92 -10.02 -11.45
CA ASN F 81 17.32 -10.41 -10.18
C ASN F 81 16.10 -9.57 -9.83
N GLN F 82 15.01 -10.26 -9.54
CA GLN F 82 13.72 -9.63 -9.30
C GLN F 82 13.68 -8.85 -8.00
N VAL F 83 14.11 -9.49 -6.91
CA VAL F 83 14.09 -8.87 -5.59
C VAL F 83 14.97 -7.61 -5.60
N PHE F 84 16.15 -7.71 -6.19
CA PHE F 84 17.07 -6.59 -6.18
C PHE F 84 16.51 -5.43 -7.00
N ALA F 85 15.92 -5.77 -8.15
CA ALA F 85 15.29 -4.78 -9.01
C ALA F 85 14.13 -4.11 -8.29
N THR F 86 13.33 -4.93 -7.61
CA THR F 86 12.20 -4.45 -6.82
C THR F 86 12.63 -3.40 -5.79
N CYS F 87 13.71 -3.70 -5.07
CA CYS F 87 14.23 -2.78 -4.06
C CYS F 87 14.66 -1.46 -4.68
N LEU F 88 15.39 -1.54 -5.79
CA LEU F 88 15.79 -0.34 -6.53
C LEU F 88 14.57 0.44 -6.99
N GLY F 89 13.56 -0.28 -7.47
CA GLY F 89 12.34 0.34 -7.93
C GLY F 89 11.71 1.18 -6.86
N LEU F 90 11.69 0.64 -5.64
CA LEU F 90 11.12 1.35 -4.51
C LEU F 90 11.89 2.65 -4.24
N VAL F 91 13.21 2.59 -4.32
CA VAL F 91 14.02 3.77 -4.09
C VAL F 91 13.78 4.83 -5.17
N TYR F 92 13.68 4.39 -6.42
CA TYR F 92 13.39 5.30 -7.53
C TYR F 92 12.05 6.01 -7.31
N ILE F 93 11.05 5.25 -6.91
CA ILE F 93 9.74 5.83 -6.65
C ILE F 93 9.87 6.89 -5.56
N TYR F 94 10.67 6.62 -4.55
CA TYR F 94 10.88 7.61 -3.50
C TYR F 94 11.66 8.81 -4.01
N GLY F 95 12.66 8.54 -4.84
CA GLY F 95 13.47 9.61 -5.41
C GLY F 95 12.61 10.59 -6.17
N ARG F 96 11.63 10.06 -6.89
CA ARG F 96 10.72 10.89 -7.67
C ARG F 96 9.74 11.67 -6.80
N HIS F 97 9.30 11.06 -5.70
CA HIS F 97 8.49 11.77 -4.72
C HIS F 97 9.26 12.98 -4.19
N LEU F 98 10.52 12.75 -3.84
CA LEU F 98 11.39 13.82 -3.35
C LEU F 98 11.58 14.89 -4.41
N TYR F 99 11.93 14.46 -5.62
CA TYR F 99 12.18 15.37 -6.74
C TYR F 99 11.01 16.31 -6.95
N PHE F 100 9.81 15.75 -7.01
CA PHE F 100 8.63 16.52 -7.33
C PHE F 100 8.33 17.61 -6.29
N TRP F 101 8.24 17.24 -5.02
CA TRP F 101 7.91 18.22 -3.99
C TRP F 101 9.03 19.22 -3.80
N GLY F 102 10.27 18.77 -4.00
CA GLY F 102 11.40 19.68 -3.98
C GLY F 102 11.26 20.78 -5.01
N TYR F 103 11.01 20.37 -6.26
CA TYR F 103 10.86 21.29 -7.38
C TYR F 103 9.74 22.30 -7.13
N SER F 104 8.63 21.84 -6.55
CA SER F 104 7.49 22.71 -6.27
C SER F 104 7.89 23.89 -5.38
N GLU F 105 8.74 23.63 -4.39
CA GLU F 105 9.21 24.68 -3.49
C GLU F 105 10.20 25.61 -4.19
N ALA F 106 11.22 25.02 -4.80
CA ALA F 106 12.24 25.79 -5.53
C ALA F 106 13.00 24.88 -6.49
N ALA F 107 13.44 25.44 -7.61
CA ALA F 107 14.16 24.64 -8.58
C ALA F 107 15.42 24.02 -8.01
N LYS F 108 16.07 24.68 -7.05
CA LYS F 108 17.30 24.11 -6.51
C LYS F 108 17.08 22.89 -5.63
N LYS F 109 15.88 22.76 -5.07
CA LYS F 109 15.60 21.66 -4.16
C LYS F 109 15.13 20.41 -4.94
N ARG F 110 15.31 20.42 -6.25
CA ARG F 110 14.96 19.28 -7.08
C ARG F 110 16.18 18.39 -7.27
N ILE F 111 17.35 18.94 -6.98
CA ILE F 111 18.61 18.32 -7.37
C ILE F 111 18.83 16.99 -6.65
N THR F 112 18.47 16.93 -5.38
CA THR F 112 18.70 15.72 -4.59
C THR F 112 17.86 14.57 -5.13
N GLY F 113 16.57 14.83 -5.32
CA GLY F 113 15.66 13.83 -5.85
C GLY F 113 16.06 13.34 -7.22
N PHE F 114 16.47 14.28 -8.08
CA PHE F 114 16.89 13.94 -9.43
C PHE F 114 18.11 13.04 -9.41
N ARG F 115 19.15 13.46 -8.70
CA ARG F 115 20.40 12.70 -8.63
C ARG F 115 20.14 11.32 -8.12
N LEU F 116 19.27 11.20 -7.11
CA LEU F 116 18.99 9.88 -6.60
C LEU F 116 18.33 9.08 -7.67
N SER F 117 17.28 9.67 -8.29
CA SER F 117 16.50 8.94 -9.31
C SER F 117 17.33 8.40 -10.47
N LEU F 118 18.30 9.17 -10.95
CA LEU F 118 19.10 8.73 -12.08
C LEU F 118 20.08 7.64 -11.67
N GLY F 119 20.53 7.69 -10.43
CA GLY F 119 21.40 6.65 -9.91
C GLY F 119 20.71 5.30 -9.95
N ILE F 120 19.43 5.24 -9.55
CA ILE F 120 18.72 3.97 -9.58
C ILE F 120 18.57 3.56 -11.04
N LEU F 121 18.27 4.55 -11.88
CA LEU F 121 18.07 4.32 -13.31
C LEU F 121 19.34 3.83 -13.98
N ALA F 122 20.48 4.39 -13.59
CA ALA F 122 21.76 3.96 -14.14
C ALA F 122 22.05 2.52 -13.71
N LEU F 123 21.79 2.21 -12.45
CA LEU F 123 22.08 0.87 -11.95
C LEU F 123 21.16 -0.18 -12.56
N LEU F 124 19.87 0.12 -12.61
CA LEU F 124 18.90 -0.79 -13.22
C LEU F 124 19.32 -1.10 -14.66
N THR F 125 19.71 -0.06 -15.39
CA THR F 125 20.21 -0.23 -16.75
C THR F 125 21.40 -1.18 -16.78
N LEU F 126 22.35 -0.97 -15.87
CA LEU F 126 23.53 -1.83 -15.77
C LEU F 126 23.15 -3.29 -15.54
N LEU F 127 22.36 -3.55 -14.52
CA LEU F 127 21.93 -4.91 -14.21
C LEU F 127 21.20 -5.55 -15.39
N GLY F 128 20.33 -4.78 -16.03
CA GLY F 128 19.59 -5.24 -17.19
C GLY F 128 20.48 -5.54 -18.37
N ALA F 129 21.41 -4.62 -18.63
CA ALA F 129 22.38 -4.80 -19.69
C ALA F 129 23.25 -6.04 -19.45
N LEU F 130 23.77 -6.15 -18.23
CA LEU F 130 24.60 -7.29 -17.84
C LEU F 130 23.86 -8.61 -17.97
N GLY F 131 22.65 -8.68 -17.42
CA GLY F 131 21.85 -9.89 -17.51
C GLY F 131 21.50 -10.30 -18.94
N ILE F 132 21.24 -9.32 -19.80
CA ILE F 132 20.89 -9.59 -21.19
C ILE F 132 22.11 -10.03 -21.99
N ALA F 133 23.23 -9.33 -21.80
CA ALA F 133 24.49 -9.74 -22.42
C ALA F 133 24.78 -11.17 -22.00
N ASN F 134 24.65 -11.43 -20.71
CA ASN F 134 24.86 -12.75 -20.16
C ASN F 134 23.98 -13.82 -20.82
N SER F 135 22.72 -13.49 -21.06
CA SER F 135 21.79 -14.45 -21.66
C SER F 135 22.10 -14.59 -23.14
N PHE F 136 22.50 -13.49 -23.77
CA PHE F 136 22.87 -13.52 -25.18
C PHE F 136 24.06 -14.42 -25.45
N LEU F 137 25.09 -14.31 -24.62
CA LEU F 137 26.30 -15.11 -24.80
C LEU F 137 26.03 -16.58 -24.46
N ASP F 138 25.19 -16.82 -23.47
CA ASP F 138 24.82 -18.18 -23.09
C ASP F 138 23.80 -18.77 -24.06
#